data_1U6E
#
_entry.id   1U6E
#
_cell.length_a   55.263
_cell.length_b   109.021
_cell.length_c   110.976
_cell.angle_alpha   90.00
_cell.angle_beta   90.00
_cell.angle_gamma   90.00
#
_symmetry.space_group_name_H-M   'P 21 21 21'
#
loop_
_entity.id
_entity.type
_entity.pdbx_description
1 polymer '3-oxoacyl-[acyl-carrier-protein] synthase III'
2 non-polymer 'CHLORIDE ION'
3 water water
#
_entity_poly.entity_id   1
_entity_poly.type   'polypeptide(L)'
_entity_poly.pdbx_seq_one_letter_code
;MTEIATTSGARSVGLLSVGAYRPERVVTNDEICQHIDSSDEWIYTRTGIKTRRFAADDESAASMATEACRRALSNAGLSA
ADIDGVIVTTNTHFLQTPPAAPMVAASLGAKGILGFDLSAGAAGFGYALGAAADMIRGGGAATMLVVGTEKLSPTIDMYD
RGNCFIFADGAAAVVVGETPFQGIGPTVAGSDGEQADAIRQDIDWITFAQNPSGPRPFVRLEGPAVFRWAAFKMGDVGRR
AMDAAGVRPDQIDVFVPHQANSRINELLVKNLQLRPDAVVANDIEHTGNTSAASIPLAMAELLTTGAAKPGDLALLIGYG
AGLSYAAQVVRMPKG
;
_entity_poly.pdbx_strand_id   A,B
#
loop_
_chem_comp.id
_chem_comp.type
_chem_comp.name
_chem_comp.formula
CL non-polymer 'CHLORIDE ION' 'Cl -1'
#
# COMPACT_ATOMS: atom_id res chain seq x y z
N MET A 1 35.38 -11.66 -2.98
CA MET A 1 33.90 -11.44 -3.09
C MET A 1 33.54 -10.01 -3.52
N THR A 2 32.30 -9.59 -3.22
CA THR A 2 31.79 -8.29 -3.66
C THR A 2 30.85 -7.64 -2.64
N GLU A 3 30.65 -6.34 -2.79
CA GLU A 3 29.75 -5.57 -1.93
C GLU A 3 28.63 -4.93 -2.75
N ILE A 4 27.39 -5.13 -2.30
CA ILE A 4 26.22 -4.52 -2.93
C ILE A 4 26.38 -3.01 -2.98
N ALA A 5 26.18 -2.43 -4.17
CA ALA A 5 26.36 -1.00 -4.38
C ALA A 5 25.43 -0.14 -3.52
N THR A 6 25.92 1.04 -3.18
CA THR A 6 25.14 2.04 -2.48
C THR A 6 24.91 3.21 -3.42
N THR A 7 23.65 3.61 -3.59
CA THR A 7 23.28 4.70 -4.48
C THR A 7 22.40 5.71 -3.76
N SER A 8 22.18 6.86 -4.40
CA SER A 8 21.23 7.85 -3.91
C SER A 8 20.80 8.76 -5.05
N GLY A 9 19.72 9.49 -4.84
CA GLY A 9 19.24 10.46 -5.81
C GLY A 9 19.39 11.86 -5.24
N ALA A 10 18.54 12.77 -5.70
CA ALA A 10 18.56 14.15 -5.23
C ALA A 10 17.88 14.24 -3.86
N ARG A 11 18.60 14.77 -2.88
CA ARG A 11 18.10 14.81 -1.50
C ARG A 11 17.00 15.84 -1.28
N SER A 12 17.00 16.90 -2.09
CA SER A 12 16.00 17.95 -1.99
C SER A 12 14.81 17.65 -2.91
N VAL A 13 13.65 17.39 -2.28
CA VAL A 13 12.43 16.97 -2.97
C VAL A 13 11.28 17.89 -2.58
N GLY A 14 10.38 18.16 -3.53
CA GLY A 14 9.22 19.00 -3.26
C GLY A 14 8.01 18.68 -4.11
N LEU A 15 6.91 19.36 -3.78
CA LEU A 15 5.69 19.23 -4.57
C LEU A 15 5.78 20.20 -5.73
N LEU A 16 5.64 19.67 -6.93
CA LEU A 16 5.74 20.47 -8.16
C LEU A 16 4.38 20.99 -8.60
N SER A 17 3.32 20.29 -8.18
CA SER A 17 1.95 20.68 -8.51
C SER A 17 0.94 19.83 -7.74
N VAL A 18 -0.30 20.30 -7.73
CA VAL A 18 -1.44 19.49 -7.30
C VAL A 18 -2.53 19.55 -8.39
N GLY A 19 -3.27 18.46 -8.54
CA GLY A 19 -4.40 18.42 -9.46
C GLY A 19 -5.55 17.76 -8.74
N ALA A 20 -6.77 18.25 -8.96
CA ALA A 20 -7.95 17.76 -8.24
C ALA A 20 -9.09 17.38 -9.17
N TYR A 21 -9.77 16.29 -8.81
CA TYR A 21 -10.99 15.89 -9.48
C TYR A 21 -12.13 15.71 -8.49
N ARG A 22 -13.19 16.50 -8.69
CA ARG A 22 -14.37 16.45 -7.86
C ARG A 22 -15.53 16.02 -8.74
N PRO A 23 -16.11 14.86 -8.46
CA PRO A 23 -17.21 14.31 -9.29
C PRO A 23 -18.37 15.31 -9.41
N GLU A 24 -19.08 15.25 -10.53
CA GLU A 24 -20.12 16.21 -10.89
C GLU A 24 -21.27 16.35 -9.88
N ARG A 25 -21.77 15.22 -9.40
CA ARG A 25 -23.01 15.20 -8.62
C ARG A 25 -22.88 15.80 -7.23
N VAL A 26 -23.60 16.89 -7.00
CA VAL A 26 -23.67 17.48 -5.65
C VAL A 26 -24.81 16.80 -4.88
N VAL A 27 -24.52 16.41 -3.65
CA VAL A 27 -25.51 15.86 -2.73
C VAL A 27 -25.62 16.81 -1.53
N THR A 28 -26.79 17.42 -1.34
CA THR A 28 -26.98 18.34 -0.22
C THR A 28 -27.38 17.60 1.04
N ASN A 29 -27.22 18.26 2.20
CA ASN A 29 -27.71 17.71 3.46
C ASN A 29 -29.19 17.34 3.43
N ASP A 30 -29.98 18.17 2.75
CA ASP A 30 -31.41 17.93 2.59
CA ASP A 30 -31.41 17.94 2.60
C ASP A 30 -31.70 16.60 1.90
C ASP A 30 -31.70 16.61 1.89
N GLU A 31 -30.90 16.29 0.87
CA GLU A 31 -31.03 15.01 0.16
C GLU A 31 -30.69 13.83 1.07
N ILE A 32 -29.62 13.97 1.87
CA ILE A 32 -29.24 12.96 2.86
C ILE A 32 -30.38 12.75 3.88
N CYS A 33 -30.99 13.86 4.30
CA CYS A 33 -32.07 13.82 5.30
C CYS A 33 -33.39 13.21 4.81
N GLN A 34 -33.37 12.65 3.61
CA GLN A 34 -34.50 11.87 3.09
C GLN A 34 -34.65 10.52 3.81
N HIS A 35 -33.55 10.01 4.36
CA HIS A 35 -33.52 8.67 4.92
C HIS A 35 -33.12 8.60 6.40
N ILE A 36 -32.83 9.76 6.99
CA ILE A 36 -32.54 9.86 8.41
C ILE A 36 -33.35 10.99 9.06
N ASP A 37 -33.55 10.88 10.38
CA ASP A 37 -34.20 11.93 11.15
C ASP A 37 -33.15 12.95 11.58
N SER A 38 -32.87 13.91 10.70
CA SER A 38 -31.90 14.96 10.98
C SER A 38 -32.27 16.22 10.20
N SER A 39 -31.36 17.18 10.16
CA SER A 39 -31.56 18.40 9.40
C SER A 39 -30.24 18.93 8.87
N ASP A 40 -30.32 19.80 7.87
CA ASP A 40 -29.15 20.52 7.37
C ASP A 40 -28.44 21.23 8.52
N GLU A 41 -29.22 21.95 9.35
CA GLU A 41 -28.68 22.68 10.49
C GLU A 41 -27.90 21.78 11.44
N TRP A 42 -28.45 20.62 11.75
CA TRP A 42 -27.81 19.67 12.66
C TRP A 42 -26.50 19.11 12.09
N ILE A 43 -26.54 18.67 10.84
CA ILE A 43 -25.35 18.11 10.20
C ILE A 43 -24.24 19.15 10.14
N TYR A 44 -24.56 20.35 9.64
CA TYR A 44 -23.58 21.42 9.51
C TYR A 44 -22.95 21.79 10.86
N THR A 45 -23.79 21.92 11.90
CA THR A 45 -23.29 22.32 13.22
C THR A 45 -22.35 21.26 13.81
N ARG A 46 -22.65 19.99 13.56
CA ARG A 46 -21.90 18.89 14.15
C ARG A 46 -20.64 18.52 13.35
N THR A 47 -20.66 18.73 12.04
CA THR A 47 -19.57 18.26 11.17
C THR A 47 -18.92 19.33 10.29
N GLY A 48 -19.61 20.45 10.09
CA GLY A 48 -19.15 21.49 9.17
C GLY A 48 -19.45 21.23 7.70
N ILE A 49 -20.21 20.17 7.41
CA ILE A 49 -20.53 19.80 6.04
C ILE A 49 -21.86 20.38 5.59
N LYS A 50 -21.88 20.98 4.40
CA LYS A 50 -23.11 21.47 3.79
C LYS A 50 -23.51 20.63 2.59
N THR A 51 -22.53 20.29 1.74
CA THR A 51 -22.74 19.42 0.59
C THR A 51 -21.52 18.53 0.41
N ARG A 52 -21.67 17.50 -0.42
CA ARG A 52 -20.53 16.66 -0.80
C ARG A 52 -20.76 16.14 -2.22
N ARG A 53 -19.70 15.66 -2.86
CA ARG A 53 -19.79 15.11 -4.21
C ARG A 53 -19.80 13.59 -4.21
N PHE A 54 -20.66 13.00 -5.04
CA PHE A 54 -20.68 11.56 -5.27
C PHE A 54 -20.28 11.25 -6.71
N ALA A 55 -19.46 10.22 -6.87
CA ALA A 55 -19.06 9.76 -8.21
C ALA A 55 -20.22 9.07 -8.92
N ALA A 56 -20.16 9.05 -10.25
CA ALA A 56 -21.16 8.36 -11.06
C ALA A 56 -20.95 6.84 -10.99
N ASP A 57 -21.97 6.07 -11.40
CA ASP A 57 -21.86 4.60 -11.37
C ASP A 57 -20.72 4.08 -12.24
N ASP A 58 -20.45 4.76 -13.35
CA ASP A 58 -19.39 4.34 -14.27
C ASP A 58 -17.99 4.81 -13.87
N GLU A 59 -17.88 5.48 -12.73
CA GLU A 59 -16.59 5.93 -12.21
C GLU A 59 -16.08 5.02 -11.11
N SER A 60 -14.76 5.04 -10.91
CA SER A 60 -14.12 4.26 -9.85
C SER A 60 -13.04 5.08 -9.17
N ALA A 61 -12.49 4.56 -8.08
CA ALA A 61 -11.31 5.15 -7.45
C ALA A 61 -10.20 5.30 -8.50
N ALA A 62 -10.02 4.27 -9.32
CA ALA A 62 -8.98 4.28 -10.35
C ALA A 62 -9.25 5.36 -11.39
N SER A 63 -10.48 5.42 -11.91
CA SER A 63 -10.79 6.41 -12.94
C SER A 63 -10.63 7.85 -12.43
N MET A 64 -11.05 8.10 -11.19
CA MET A 64 -10.88 9.42 -10.59
C MET A 64 -9.41 9.78 -10.34
N ALA A 65 -8.62 8.79 -9.92
CA ALA A 65 -7.17 8.96 -9.76
C ALA A 65 -6.50 9.39 -11.07
N THR A 66 -6.82 8.69 -12.15
CA THR A 66 -6.27 9.01 -13.47
C THR A 66 -6.54 10.47 -13.85
N GLU A 67 -7.79 10.91 -13.68
CA GLU A 67 -8.13 12.29 -14.01
C GLU A 67 -7.38 13.29 -13.15
N ALA A 68 -7.27 13.01 -11.85
CA ALA A 68 -6.51 13.87 -10.95
C ALA A 68 -5.04 13.96 -11.37
N CYS A 69 -4.46 12.82 -11.75
CA CYS A 69 -3.08 12.78 -12.23
C CYS A 69 -2.89 13.60 -13.52
N ARG A 70 -3.84 13.47 -14.45
CA ARG A 70 -3.79 14.25 -15.70
C ARG A 70 -3.69 15.73 -15.37
N ARG A 71 -4.51 16.16 -14.42
CA ARG A 71 -4.59 17.57 -14.04
C ARG A 71 -3.33 18.05 -13.31
N ALA A 72 -2.79 17.20 -12.45
CA ALA A 72 -1.53 17.47 -11.78
C ALA A 72 -0.39 17.63 -12.78
N LEU A 73 -0.35 16.74 -13.77
CA LEU A 73 0.67 16.82 -14.81
C LEU A 73 0.58 18.13 -15.60
N SER A 74 -0.65 18.50 -15.95
CA SER A 74 -0.88 19.76 -16.68
CA SER A 74 -0.89 19.76 -16.67
C SER A 74 -0.46 20.96 -15.84
C SER A 74 -0.46 20.96 -15.84
N ASN A 75 -0.80 20.93 -14.56
CA ASN A 75 -0.45 22.00 -13.63
C ASN A 75 1.06 22.10 -13.36
N ALA A 76 1.78 21.00 -13.57
CA ALA A 76 3.24 20.99 -13.43
C ALA A 76 3.94 21.36 -14.74
N GLY A 77 3.20 21.35 -15.84
CA GLY A 77 3.76 21.53 -17.17
C GLY A 77 4.56 20.32 -17.61
N LEU A 78 4.12 19.15 -17.16
CA LEU A 78 4.80 17.89 -17.46
C LEU A 78 3.90 16.93 -18.21
N SER A 79 4.48 15.88 -18.75
CA SER A 79 3.73 14.80 -19.38
C SER A 79 4.00 13.48 -18.64
N ALA A 80 3.25 12.45 -19.00
CA ALA A 80 3.42 11.11 -18.44
C ALA A 80 4.85 10.60 -18.57
N ALA A 81 5.50 10.90 -19.70
CA ALA A 81 6.89 10.51 -19.93
C ALA A 81 7.87 11.00 -18.87
N ASP A 82 7.53 12.10 -18.18
CA ASP A 82 8.37 12.67 -17.13
C ASP A 82 8.26 11.96 -15.79
N ILE A 83 7.31 11.04 -15.67
CA ILE A 83 7.05 10.37 -14.40
C ILE A 83 7.73 9.00 -14.35
N ASP A 84 8.36 8.68 -13.21
CA ASP A 84 9.07 7.43 -13.04
C ASP A 84 8.28 6.40 -12.22
N GLY A 85 7.27 6.87 -11.50
CA GLY A 85 6.51 5.98 -10.64
C GLY A 85 5.23 6.63 -10.15
N VAL A 86 4.27 5.80 -9.75
CA VAL A 86 3.02 6.29 -9.23
C VAL A 86 2.58 5.49 -8.00
N ILE A 87 2.29 6.18 -6.92
CA ILE A 87 1.68 5.53 -5.77
C ILE A 87 0.22 5.97 -5.70
N VAL A 88 -0.67 4.99 -5.70
CA VAL A 88 -2.09 5.23 -5.53
C VAL A 88 -2.45 4.89 -4.10
N THR A 89 -2.99 5.88 -3.39
CA THR A 89 -3.48 5.61 -2.05
C THR A 89 -5.01 5.72 -1.96
N THR A 90 -5.62 4.65 -1.48
CA THR A 90 -7.08 4.53 -1.46
C THR A 90 -7.48 3.42 -0.53
N ASN A 91 -8.76 3.41 -0.15
CA ASN A 91 -9.32 2.31 0.63
C ASN A 91 -10.61 1.83 -0.03
N THR A 92 -10.83 2.26 -1.27
CA THR A 92 -12.07 1.95 -1.99
C THR A 92 -11.83 1.43 -3.40
N HIS A 93 -10.72 0.74 -3.59
CA HIS A 93 -10.50 -0.05 -4.81
C HIS A 93 -11.16 -1.39 -4.51
N PHE A 94 -12.26 -1.68 -5.22
CA PHE A 94 -13.14 -2.82 -4.88
C PHE A 94 -12.79 -4.16 -5.53
N LEU A 95 -11.51 -4.33 -5.85
CA LEU A 95 -10.96 -5.60 -6.30
C LEU A 95 -9.78 -5.95 -5.40
N GLN A 96 -9.68 -7.20 -4.99
CA GLN A 96 -8.53 -7.66 -4.20
C GLN A 96 -7.27 -7.50 -5.03
N THR A 97 -7.43 -7.74 -6.33
CA THR A 97 -6.35 -7.62 -7.32
C THR A 97 -7.04 -7.56 -8.69
N PRO A 98 -6.44 -6.94 -9.71
CA PRO A 98 -5.10 -6.34 -9.68
C PRO A 98 -5.06 -4.99 -8.97
N PRO A 99 -3.87 -4.49 -8.61
CA PRO A 99 -3.73 -3.16 -8.00
C PRO A 99 -4.10 -2.07 -9.01
N ALA A 100 -4.55 -0.93 -8.49
CA ALA A 100 -4.97 0.19 -9.35
C ALA A 100 -3.79 0.89 -10.01
N ALA A 101 -2.64 0.95 -9.33
CA ALA A 101 -1.50 1.73 -9.84
C ALA A 101 -1.08 1.46 -11.29
N PRO A 102 -0.86 0.19 -11.68
CA PRO A 102 -0.51 -0.10 -13.08
C PRO A 102 -1.57 0.32 -14.10
N MET A 103 -2.85 0.22 -13.74
CA MET A 103 -3.90 0.63 -14.66
C MET A 103 -3.96 2.16 -14.81
N VAL A 104 -3.72 2.87 -13.72
CA VAL A 104 -3.65 4.33 -13.73
C VAL A 104 -2.47 4.77 -14.61
N ALA A 105 -1.32 4.12 -14.44
CA ALA A 105 -0.15 4.42 -15.27
C ALA A 105 -0.44 4.17 -16.76
N ALA A 106 -1.10 3.07 -17.06
CA ALA A 106 -1.44 2.71 -18.44
C ALA A 106 -2.40 3.72 -19.07
N SER A 107 -3.40 4.14 -18.31
CA SER A 107 -4.36 5.14 -18.74
C SER A 107 -3.72 6.49 -19.05
N LEU A 108 -2.68 6.83 -18.28
CA LEU A 108 -1.94 8.07 -18.49
C LEU A 108 -1.01 8.02 -19.68
N GLY A 109 -0.76 6.81 -20.20
CA GLY A 109 0.14 6.62 -21.31
C GLY A 109 1.56 6.33 -20.86
N ALA A 110 1.69 5.77 -19.66
CA ALA A 110 2.99 5.38 -19.15
C ALA A 110 2.92 3.98 -18.53
N LYS A 111 2.39 3.03 -19.31
CA LYS A 111 2.05 1.69 -18.82
C LYS A 111 3.17 0.94 -18.09
N GLY A 112 4.42 1.31 -18.37
CA GLY A 112 5.56 0.57 -17.87
C GLY A 112 6.15 1.03 -16.55
N ILE A 113 5.70 2.18 -16.04
CA ILE A 113 6.30 2.74 -14.83
C ILE A 113 5.95 1.94 -13.58
N LEU A 114 6.85 2.00 -12.61
CA LEU A 114 6.65 1.32 -11.32
C LEU A 114 5.50 1.96 -10.57
N GLY A 115 4.94 1.21 -9.62
CA GLY A 115 3.86 1.72 -8.80
C GLY A 115 3.19 0.66 -7.97
N PHE A 116 2.43 1.11 -6.97
CA PHE A 116 1.68 0.22 -6.09
C PHE A 116 0.57 0.97 -5.38
N ASP A 117 -0.31 0.22 -4.72
CA ASP A 117 -1.40 0.78 -3.94
C ASP A 117 -1.01 0.77 -2.49
N LEU A 118 -1.28 1.88 -1.80
CA LEU A 118 -0.99 2.00 -0.37
C LEU A 118 -2.29 2.29 0.35
N SER A 119 -2.59 1.49 1.38
CA SER A 119 -3.82 1.66 2.15
CA SER A 119 -3.81 1.67 2.15
C SER A 119 -3.49 1.91 3.63
C SER A 119 -3.46 1.92 3.62
N ALA A 120 -3.94 3.05 4.15
CA ALA A 120 -3.73 3.41 5.55
C ALA A 120 -4.84 4.34 6.03
N GLY A 121 -6.06 4.11 5.54
CA GLY A 121 -7.16 5.02 5.82
C GLY A 121 -6.80 6.41 5.34
N ALA A 122 -7.26 7.41 6.07
CA ALA A 122 -6.99 8.81 5.71
C ALA A 122 -5.51 9.16 5.74
N ALA A 123 -4.73 8.48 6.59
CA ALA A 123 -3.29 8.70 6.70
C ALA A 123 -2.52 8.26 5.46
N GLY A 124 -3.21 7.59 4.54
CA GLY A 124 -2.62 7.07 3.33
C GLY A 124 -1.85 8.10 2.50
N PHE A 125 -2.39 9.32 2.40
CA PHE A 125 -1.70 10.36 1.63
C PHE A 125 -0.33 10.72 2.23
N GLY A 126 -0.28 10.91 3.55
CA GLY A 126 0.97 11.26 4.22
C GLY A 126 2.01 10.17 4.08
N TYR A 127 1.57 8.92 4.21
CA TYR A 127 2.47 7.77 4.06
C TYR A 127 2.99 7.66 2.63
N ALA A 128 2.09 7.85 1.65
CA ALA A 128 2.47 7.74 0.24
C ALA A 128 3.41 8.88 -0.17
N LEU A 129 3.14 10.07 0.36
CA LEU A 129 3.98 11.22 0.08
C LEU A 129 5.39 11.02 0.66
N GLY A 130 5.44 10.60 1.93
CA GLY A 130 6.70 10.26 2.57
C GLY A 130 7.44 9.16 1.84
N ALA A 131 6.71 8.14 1.39
CA ALA A 131 7.32 7.01 0.66
C ALA A 131 7.89 7.45 -0.69
N ALA A 132 7.17 8.32 -1.40
CA ALA A 132 7.67 8.85 -2.67
C ALA A 132 8.93 9.67 -2.45
N ALA A 133 8.90 10.56 -1.47
CA ALA A 133 10.08 11.35 -1.11
C ALA A 133 11.27 10.44 -0.78
N ASP A 134 11.04 9.40 0.03
CA ASP A 134 12.10 8.46 0.43
C ASP A 134 12.69 7.76 -0.80
N MET A 135 11.81 7.31 -1.70
CA MET A 135 12.22 6.63 -2.92
C MET A 135 13.04 7.53 -3.84
N ILE A 136 12.58 8.76 -4.03
CA ILE A 136 13.30 9.75 -4.84
C ILE A 136 14.69 10.05 -4.26
N ARG A 137 14.77 10.33 -2.95
CA ARG A 137 16.04 10.62 -2.29
C ARG A 137 17.00 9.43 -2.40
N GLY A 138 16.44 8.22 -2.36
CA GLY A 138 17.21 6.99 -2.46
C GLY A 138 17.67 6.64 -3.86
N GLY A 139 17.13 7.34 -4.86
CA GLY A 139 17.56 7.15 -6.24
C GLY A 139 16.75 6.15 -7.04
N GLY A 140 15.66 5.66 -6.46
CA GLY A 140 14.76 4.71 -7.12
C GLY A 140 13.82 5.36 -8.13
N ALA A 141 13.76 6.69 -8.10
CA ALA A 141 12.93 7.49 -9.01
C ALA A 141 13.40 8.95 -8.95
N ALA A 142 13.10 9.73 -9.99
CA ALA A 142 13.40 11.16 -9.98
C ALA A 142 12.14 12.01 -9.77
N THR A 143 11.04 11.60 -10.40
CA THR A 143 9.76 12.30 -10.33
C THR A 143 8.66 11.26 -10.20
N MET A 144 7.71 11.52 -9.32
CA MET A 144 6.63 10.57 -9.06
C MET A 144 5.27 11.25 -8.94
N LEU A 145 4.23 10.49 -9.20
CA LEU A 145 2.86 10.90 -8.94
C LEU A 145 2.41 10.22 -7.66
N VAL A 146 1.76 10.98 -6.78
CA VAL A 146 1.13 10.41 -5.59
C VAL A 146 -0.30 10.88 -5.63
N VAL A 147 -1.24 9.94 -5.68
CA VAL A 147 -2.65 10.29 -5.83
C VAL A 147 -3.51 9.63 -4.76
N GLY A 148 -4.25 10.46 -4.02
CA GLY A 148 -5.24 9.98 -3.08
C GLY A 148 -6.58 9.96 -3.78
N THR A 149 -7.31 8.85 -3.67
CA THR A 149 -8.58 8.73 -4.34
C THR A 149 -9.55 7.85 -3.54
N GLU A 150 -10.81 8.26 -3.48
CA GLU A 150 -11.82 7.45 -2.81
C GLU A 150 -13.16 7.52 -3.51
N LYS A 151 -13.77 6.35 -3.71
CA LYS A 151 -15.19 6.26 -4.01
C LYS A 151 -15.87 5.59 -2.82
N LEU A 152 -16.15 6.40 -1.80
CA LEU A 152 -16.76 5.91 -0.57
C LEU A 152 -18.28 5.68 -0.67
N SER A 153 -18.94 6.42 -1.55
CA SER A 153 -20.41 6.41 -1.62
C SER A 153 -21.07 5.02 -1.70
N PRO A 154 -20.55 4.09 -2.52
CA PRO A 154 -21.14 2.74 -2.58
C PRO A 154 -21.03 1.95 -1.27
N THR A 155 -20.19 2.39 -0.34
CA THR A 155 -20.02 1.69 0.94
C THR A 155 -20.83 2.31 2.08
N ILE A 156 -21.53 3.40 1.77
CA ILE A 156 -22.34 4.11 2.76
C ILE A 156 -23.71 3.45 2.89
N ASP A 157 -24.09 3.19 4.13
CA ASP A 157 -25.46 2.83 4.48
C ASP A 157 -26.23 4.14 4.68
N MET A 158 -27.12 4.44 3.75
CA MET A 158 -27.79 5.75 3.75
C MET A 158 -28.75 5.96 4.94
N TYR A 159 -29.02 4.89 5.68
CA TYR A 159 -29.85 4.94 6.88
C TYR A 159 -29.04 5.04 8.17
N ASP A 160 -27.71 5.00 8.05
CA ASP A 160 -26.84 5.08 9.22
C ASP A 160 -26.68 6.54 9.67
N ARG A 161 -27.42 6.92 10.69
CA ARG A 161 -27.46 8.30 11.17
C ARG A 161 -26.17 8.73 11.88
N GLY A 162 -25.17 7.86 11.86
CA GLY A 162 -23.85 8.15 12.39
C GLY A 162 -22.85 8.64 11.35
N ASN A 163 -23.01 8.23 10.09
CA ASN A 163 -22.00 8.55 9.07
C ASN A 163 -22.46 8.77 7.62
N CYS A 164 -23.74 8.60 7.33
CA CYS A 164 -24.22 8.75 5.95
C CYS A 164 -23.98 10.15 5.36
N PHE A 165 -23.83 11.15 6.24
CA PHE A 165 -23.59 12.54 5.83
C PHE A 165 -22.10 12.91 5.92
N ILE A 166 -21.26 11.95 6.31
CA ILE A 166 -19.83 12.20 6.49
C ILE A 166 -19.02 11.92 5.24
N PHE A 167 -19.12 10.70 4.71
CA PHE A 167 -18.20 10.25 3.66
C PHE A 167 -18.61 10.68 2.26
N ALA A 168 -17.63 10.81 1.38
CA ALA A 168 -17.85 11.36 0.04
C ALA A 168 -16.74 10.93 -0.92
N ASP A 169 -16.83 11.40 -2.16
CA ASP A 169 -15.96 10.91 -3.24
C ASP A 169 -15.10 12.02 -3.83
N GLY A 170 -13.95 11.62 -4.36
CA GLY A 170 -13.06 12.55 -5.03
C GLY A 170 -11.64 12.01 -5.12
N ALA A 171 -10.80 12.74 -5.86
CA ALA A 171 -9.39 12.36 -5.98
C ALA A 171 -8.54 13.57 -6.22
N ALA A 172 -7.30 13.51 -5.75
CA ALA A 172 -6.35 14.59 -5.98
C ALA A 172 -4.94 14.03 -5.95
N ALA A 173 -4.09 14.55 -6.82
CA ALA A 173 -2.76 14.03 -7.03
C ALA A 173 -1.72 15.13 -6.89
N VAL A 174 -0.52 14.76 -6.48
CA VAL A 174 0.60 15.70 -6.50
C VAL A 174 1.73 15.15 -7.35
N VAL A 175 2.45 16.03 -8.04
CA VAL A 175 3.69 15.65 -8.68
C VAL A 175 4.81 15.94 -7.67
N VAL A 176 5.63 14.93 -7.43
CA VAL A 176 6.75 15.06 -6.48
C VAL A 176 8.05 14.93 -7.26
N GLY A 177 8.96 15.88 -7.07
CA GLY A 177 10.23 15.84 -7.79
C GLY A 177 11.33 16.67 -7.18
N GLU A 178 12.45 16.76 -7.88
CA GLU A 178 13.58 17.55 -7.39
C GLU A 178 13.22 19.03 -7.36
N THR A 179 13.58 19.69 -6.27
CA THR A 179 13.41 21.13 -6.11
C THR A 179 14.74 21.74 -5.63
N PRO A 180 14.94 23.03 -5.88
CA PRO A 180 16.14 23.75 -5.42
C PRO A 180 16.39 23.60 -3.91
N PHE A 181 15.34 23.74 -3.10
CA PHE A 181 15.43 23.60 -1.66
C PHE A 181 14.44 22.56 -1.15
N GLN A 182 14.72 21.99 0.02
CA GLN A 182 13.87 20.95 0.61
C GLN A 182 12.41 21.40 0.70
N GLY A 183 11.52 20.60 0.12
CA GLY A 183 10.10 20.91 0.09
C GLY A 183 9.20 19.94 0.85
N ILE A 184 9.72 18.77 1.21
CA ILE A 184 8.97 17.81 2.03
C ILE A 184 9.72 17.44 3.30
N GLY A 185 9.12 17.77 4.44
CA GLY A 185 9.71 17.51 5.74
C GLY A 185 9.67 16.03 6.10
N PRO A 186 10.37 15.65 7.16
CA PRO A 186 10.38 14.25 7.60
C PRO A 186 8.98 13.78 7.96
N THR A 187 8.69 12.52 7.65
CA THR A 187 7.41 11.91 7.99
C THR A 187 7.33 11.65 9.49
N VAL A 188 6.22 12.05 10.09
CA VAL A 188 5.89 11.66 11.47
C VAL A 188 4.63 10.83 11.40
N ALA A 189 4.70 9.58 11.85
CA ALA A 189 3.58 8.66 11.70
C ALA A 189 3.48 7.65 12.84
N GLY A 190 2.35 6.96 12.89
CA GLY A 190 2.10 5.98 13.93
C GLY A 190 0.69 5.48 13.83
N SER A 191 0.28 4.69 14.81
CA SER A 191 -1.10 4.20 14.84
C SER A 191 -1.62 3.89 16.23
N ASP A 192 -2.88 3.48 16.28
CA ASP A 192 -3.42 2.82 17.45
C ASP A 192 -4.30 1.66 16.99
N GLY A 193 -3.66 0.51 16.80
CA GLY A 193 -4.33 -0.70 16.36
C GLY A 193 -5.36 -1.25 17.33
N GLU A 194 -5.30 -0.83 18.59
CA GLU A 194 -6.27 -1.27 19.59
CA GLU A 194 -6.27 -1.27 19.60
C GLU A 194 -7.65 -0.66 19.35
C GLU A 194 -7.65 -0.66 19.35
N GLN A 195 -7.69 0.39 18.54
CA GLN A 195 -8.95 1.03 18.17
C GLN A 195 -9.27 0.79 16.70
N ALA A 196 -8.87 -0.37 16.19
CA ALA A 196 -9.08 -0.70 14.78
C ALA A 196 -10.57 -0.72 14.41
N ASP A 197 -11.43 -1.05 15.38
CA ASP A 197 -12.88 -1.09 15.12
C ASP A 197 -13.56 0.28 14.92
N ALA A 198 -12.86 1.37 15.25
CA ALA A 198 -13.48 2.71 15.22
C ALA A 198 -13.93 3.16 13.83
N ILE A 199 -13.18 2.78 12.80
CA ILE A 199 -13.59 2.99 11.40
C ILE A 199 -13.35 1.68 10.67
N ARG A 200 -14.44 1.07 10.21
CA ARG A 200 -14.34 -0.29 9.66
C ARG A 200 -15.45 -0.63 8.68
N GLN A 201 -15.15 -1.56 7.79
CA GLN A 201 -16.15 -2.35 7.09
C GLN A 201 -16.65 -3.41 8.08
N ASP A 202 -17.96 -3.51 8.25
CA ASP A 202 -18.49 -4.32 9.35
C ASP A 202 -18.46 -5.83 9.10
N ILE A 203 -18.63 -6.24 7.84
CA ILE A 203 -18.60 -7.64 7.46
C ILE A 203 -17.52 -7.80 6.41
N ASP A 204 -16.60 -8.74 6.60
CA ASP A 204 -15.54 -8.93 5.62
C ASP A 204 -16.10 -9.56 4.34
N TRP A 205 -15.44 -9.30 3.21
CA TRP A 205 -15.98 -9.68 1.91
C TRP A 205 -16.15 -11.18 1.72
N ILE A 206 -15.32 -11.99 2.38
CA ILE A 206 -15.42 -13.45 2.24
C ILE A 206 -16.59 -14.03 3.02
N THR A 207 -16.76 -13.60 4.27
CA THR A 207 -17.93 -13.96 5.06
C THR A 207 -19.18 -13.60 4.27
N PHE A 208 -19.17 -12.41 3.67
CA PHE A 208 -20.27 -11.98 2.82
C PHE A 208 -20.44 -12.84 1.57
N ALA A 209 -19.33 -13.13 0.89
CA ALA A 209 -19.37 -13.93 -0.35
C ALA A 209 -19.94 -15.32 -0.12
N GLN A 210 -19.76 -15.83 1.10
CA GLN A 210 -20.25 -17.15 1.49
C GLN A 210 -21.71 -17.11 2.01
N ASN A 211 -22.26 -15.90 2.11
CA ASN A 211 -23.64 -15.69 2.58
C ASN A 211 -24.25 -14.43 1.93
N PRO A 212 -24.30 -14.39 0.59
CA PRO A 212 -24.58 -13.15 -0.16
C PRO A 212 -26.02 -12.67 -0.03
N SER A 213 -26.94 -13.59 0.24
CA SER A 213 -28.35 -13.25 0.41
C SER A 213 -28.62 -12.72 1.81
N GLY A 214 -27.60 -12.77 2.67
CA GLY A 214 -27.67 -12.18 3.99
C GLY A 214 -27.32 -10.70 3.95
N PRO A 215 -27.05 -10.11 5.11
CA PRO A 215 -26.63 -8.70 5.22
C PRO A 215 -25.38 -8.41 4.37
N ARG A 216 -25.33 -7.24 3.74
CA ARG A 216 -24.13 -6.82 3.01
C ARG A 216 -23.28 -5.87 3.86
N PRO A 217 -21.98 -5.75 3.53
CA PRO A 217 -21.09 -4.84 4.28
C PRO A 217 -21.31 -3.36 3.99
N PHE A 218 -21.12 -2.55 5.03
CA PHE A 218 -21.11 -1.09 4.91
C PHE A 218 -20.01 -0.54 5.81
N VAL A 219 -19.57 0.69 5.52
CA VAL A 219 -18.63 1.38 6.40
C VAL A 219 -19.32 1.83 7.68
N ARG A 220 -18.67 1.59 8.81
CA ARG A 220 -19.20 2.01 10.10
C ARG A 220 -18.18 2.91 10.78
N LEU A 221 -18.69 3.91 11.48
CA LEU A 221 -17.85 4.88 12.16
C LEU A 221 -18.31 5.03 13.61
N GLU A 222 -17.37 4.82 14.53
CA GLU A 222 -17.63 5.10 15.93
C GLU A 222 -17.13 6.52 16.15
N GLY A 223 -18.02 7.47 15.85
CA GLY A 223 -17.68 8.89 15.75
C GLY A 223 -16.98 9.48 16.96
N PRO A 224 -17.61 9.43 18.14
CA PRO A 224 -17.00 9.95 19.36
C PRO A 224 -15.61 9.39 19.68
N ALA A 225 -15.39 8.09 19.47
CA ALA A 225 -14.07 7.49 19.68
C ALA A 225 -13.01 8.14 18.80
N VAL A 226 -13.32 8.32 17.52
CA VAL A 226 -12.39 8.95 16.58
C VAL A 226 -12.21 10.43 16.91
N PHE A 227 -13.31 11.10 17.23
CA PHE A 227 -13.29 12.51 17.59
C PHE A 227 -12.33 12.71 18.76
N ARG A 228 -12.55 11.96 19.84
CA ARG A 228 -11.73 12.04 21.04
C ARG A 228 -10.26 11.80 20.75
N TRP A 229 -9.98 10.72 20.02
CA TRP A 229 -8.61 10.37 19.66
C TRP A 229 -7.94 11.49 18.87
N ALA A 230 -8.55 11.88 17.76
CA ALA A 230 -7.96 12.90 16.89
C ALA A 230 -7.77 14.25 17.59
N ALA A 231 -8.81 14.71 18.28
CA ALA A 231 -8.78 16.00 18.96
C ALA A 231 -7.71 16.07 20.05
N PHE A 232 -7.45 14.95 20.71
CA PHE A 232 -6.49 14.90 21.82
C PHE A 232 -5.07 14.54 21.42
N LYS A 233 -4.90 13.83 20.30
CA LYS A 233 -3.58 13.28 19.95
C LYS A 233 -2.88 13.95 18.75
N MET A 234 -3.64 14.61 17.88
CA MET A 234 -3.05 15.15 16.66
C MET A 234 -2.23 16.42 16.86
N GLY A 235 -2.50 17.14 17.95
CA GLY A 235 -1.71 18.31 18.30
C GLY A 235 -0.25 17.97 18.53
N ASP A 236 -0.02 16.88 19.27
CA ASP A 236 1.33 16.38 19.51
C ASP A 236 1.97 15.91 18.22
N VAL A 237 1.18 15.26 17.37
CA VAL A 237 1.66 14.82 16.07
C VAL A 237 2.12 16.01 15.24
N GLY A 238 1.30 17.06 15.20
CA GLY A 238 1.67 18.31 14.55
C GLY A 238 2.98 18.90 15.07
N ARG A 239 3.12 18.97 16.39
CA ARG A 239 4.34 19.49 17.01
C ARG A 239 5.57 18.66 16.65
N ARG A 240 5.40 17.34 16.60
CA ARG A 240 6.49 16.45 16.20
C ARG A 240 6.88 16.68 14.75
N ALA A 241 5.89 16.89 13.88
CA ALA A 241 6.16 17.14 12.46
C ALA A 241 6.87 18.48 12.23
N MET A 242 6.44 19.51 12.94
CA MET A 242 7.09 20.81 12.87
C MET A 242 8.51 20.75 13.43
N ASP A 243 8.67 20.09 14.57
CA ASP A 243 10.00 19.88 15.16
C ASP A 243 10.93 19.17 14.18
N ALA A 244 10.45 18.08 13.57
CA ALA A 244 11.25 17.30 12.62
C ALA A 244 11.65 18.11 11.39
N ALA A 245 10.77 19.01 10.97
CA ALA A 245 11.03 19.89 9.83
C ALA A 245 11.85 21.11 10.23
N GLY A 246 12.06 21.28 11.54
CA GLY A 246 12.85 22.39 12.06
C GLY A 246 12.16 23.73 11.92
N VAL A 247 10.84 23.72 12.04
CA VAL A 247 10.03 24.94 11.94
C VAL A 247 9.25 25.16 13.24
N ARG A 248 9.06 26.43 13.59
CA ARG A 248 8.26 26.80 14.75
C ARG A 248 6.80 26.91 14.35
N PRO A 249 5.89 26.62 15.28
CA PRO A 249 4.45 26.77 15.01
C PRO A 249 4.09 28.09 14.34
N ASP A 250 4.74 29.20 14.75
CA ASP A 250 4.41 30.51 14.18
C ASP A 250 4.96 30.73 12.75
N GLN A 251 5.64 29.74 12.21
CA GLN A 251 6.15 29.82 10.85
C GLN A 251 5.24 29.14 9.82
N ILE A 252 4.28 28.36 10.31
CA ILE A 252 3.29 27.72 9.44
C ILE A 252 2.34 28.76 8.85
N ASP A 253 2.21 28.75 7.52
CA ASP A 253 1.30 29.66 6.84
C ASP A 253 -0.06 29.05 6.63
N VAL A 254 -0.07 27.73 6.43
CA VAL A 254 -1.26 26.99 6.02
C VAL A 254 -1.34 25.68 6.82
N PHE A 255 -2.51 25.40 7.38
CA PHE A 255 -2.76 24.15 8.11
C PHE A 255 -3.74 23.30 7.30
N VAL A 256 -3.30 22.09 6.93
CA VAL A 256 -4.16 21.18 6.16
C VAL A 256 -4.35 19.84 6.90
N PRO A 257 -5.22 19.80 7.90
CA PRO A 257 -5.57 18.52 8.52
C PRO A 257 -6.52 17.77 7.60
N HIS A 258 -6.53 16.45 7.72
CA HIS A 258 -7.55 15.62 7.09
C HIS A 258 -8.94 16.19 7.39
N GLN A 259 -9.78 16.29 6.36
CA GLN A 259 -11.10 16.88 6.51
C GLN A 259 -12.11 15.87 7.03
N ALA A 260 -11.93 15.47 8.30
CA ALA A 260 -12.80 14.46 8.92
C ALA A 260 -14.08 15.09 9.49
N ASN A 261 -13.89 16.24 10.14
CA ASN A 261 -14.93 16.90 10.92
C ASN A 261 -14.40 18.30 11.26
N SER A 262 -15.18 19.34 10.98
CA SER A 262 -14.71 20.71 11.16
C SER A 262 -14.41 21.03 12.62
N ARG A 263 -15.19 20.45 13.53
CA ARG A 263 -15.03 20.70 14.96
C ARG A 263 -13.74 20.09 15.50
N ILE A 264 -13.37 18.90 14.99
CA ILE A 264 -12.08 18.31 15.35
C ILE A 264 -10.95 19.24 14.94
N ASN A 265 -11.00 19.69 13.69
CA ASN A 265 -9.94 20.53 13.14
C ASN A 265 -9.83 21.89 13.79
N GLU A 266 -10.98 22.46 14.18
CA GLU A 266 -10.99 23.71 14.93
C GLU A 266 -10.31 23.56 16.29
N LEU A 267 -10.54 22.42 16.93
CA LEU A 267 -9.90 22.12 18.21
C LEU A 267 -8.39 21.95 18.04
N LEU A 268 -7.98 21.34 16.93
CA LEU A 268 -6.56 21.19 16.61
C LEU A 268 -5.88 22.54 16.40
N VAL A 269 -6.55 23.45 15.69
CA VAL A 269 -6.03 24.81 15.49
C VAL A 269 -5.77 25.46 16.86
N LYS A 270 -6.73 25.32 17.77
CA LYS A 270 -6.61 25.92 19.10
C LYS A 270 -5.55 25.25 19.97
N ASN A 271 -5.15 24.03 19.60
CA ASN A 271 -4.11 23.33 20.35
C ASN A 271 -2.70 23.57 19.79
N LEU A 272 -2.62 23.95 18.51
CA LEU A 272 -1.35 23.95 17.79
C LEU A 272 -0.51 25.22 17.87
N GLN A 273 -1.07 26.27 18.48
CA GLN A 273 -0.36 27.54 18.67
C GLN A 273 0.09 28.19 17.36
N LEU A 274 -0.77 28.13 16.34
CA LEU A 274 -0.45 28.76 15.06
C LEU A 274 -0.71 30.26 15.13
N ARG A 275 -0.16 31.01 14.18
CA ARG A 275 -0.43 32.44 14.06
C ARG A 275 -1.93 32.68 13.94
N PRO A 276 -2.44 33.77 14.51
CA PRO A 276 -3.83 34.17 14.31
C PRO A 276 -4.23 34.21 12.83
N ASP A 277 -3.30 34.59 11.94
CA ASP A 277 -3.61 34.70 10.52
C ASP A 277 -3.27 33.46 9.68
N ALA A 278 -2.97 32.34 10.34
CA ALA A 278 -2.71 31.09 9.64
C ALA A 278 -3.95 30.65 8.87
N VAL A 279 -3.77 30.23 7.62
CA VAL A 279 -4.86 29.76 6.77
C VAL A 279 -5.16 28.29 7.07
N VAL A 280 -6.42 27.97 7.35
CA VAL A 280 -6.83 26.62 7.72
C VAL A 280 -7.80 26.05 6.67
N ALA A 281 -7.48 24.85 6.19
CA ALA A 281 -8.32 24.17 5.19
C ALA A 281 -9.73 23.91 5.73
N ASN A 282 -10.72 24.26 4.92
CA ASN A 282 -12.12 24.01 5.27
C ASN A 282 -12.88 23.42 4.08
N ASP A 283 -12.16 22.69 3.22
CA ASP A 283 -12.74 22.00 2.07
C ASP A 283 -13.91 21.09 2.47
N ILE A 284 -13.92 20.61 3.72
CA ILE A 284 -15.00 19.74 4.18
C ILE A 284 -16.42 20.26 3.88
N GLU A 285 -16.58 21.58 3.89
CA GLU A 285 -17.91 22.19 3.75
C GLU A 285 -18.63 21.76 2.46
N HIS A 286 -17.89 21.62 1.36
CA HIS A 286 -18.48 21.18 0.10
C HIS A 286 -17.91 19.86 -0.42
N THR A 287 -17.01 19.24 0.33
CA THR A 287 -16.37 17.98 -0.07
C THR A 287 -16.70 16.81 0.85
N GLY A 288 -17.09 17.11 2.08
CA GLY A 288 -17.24 16.08 3.10
C GLY A 288 -15.90 15.42 3.42
N ASN A 289 -15.98 14.19 3.95
CA ASN A 289 -14.79 13.41 4.30
C ASN A 289 -14.46 12.44 3.18
N THR A 290 -13.40 12.73 2.43
CA THR A 290 -12.96 11.85 1.34
C THR A 290 -11.74 11.00 1.72
N SER A 291 -11.54 10.77 3.02
CA SER A 291 -10.47 9.90 3.51
C SER A 291 -9.12 10.19 2.83
N ALA A 292 -8.58 9.22 2.08
CA ALA A 292 -7.25 9.34 1.49
C ALA A 292 -7.07 10.54 0.54
N ALA A 293 -8.15 10.93 -0.12
CA ALA A 293 -8.11 12.05 -1.07
C ALA A 293 -8.21 13.43 -0.41
N SER A 294 -8.55 13.46 0.88
CA SER A 294 -8.93 14.69 1.56
C SER A 294 -7.88 15.79 1.56
N ILE A 295 -6.66 15.45 1.98
CA ILE A 295 -5.61 16.44 2.11
C ILE A 295 -5.21 17.08 0.77
N PRO A 296 -4.91 16.28 -0.27
CA PRO A 296 -4.59 16.88 -1.57
C PRO A 296 -5.78 17.65 -2.16
N LEU A 297 -7.02 17.22 -1.91
CA LEU A 297 -8.18 17.98 -2.35
C LEU A 297 -8.25 19.35 -1.64
N ALA A 298 -7.97 19.35 -0.35
CA ALA A 298 -7.98 20.58 0.45
C ALA A 298 -6.84 21.51 0.04
N MET A 299 -5.70 20.94 -0.34
CA MET A 299 -4.56 21.73 -0.81
C MET A 299 -4.91 22.44 -2.11
N ALA A 300 -5.54 21.69 -3.02
CA ALA A 300 -5.97 22.24 -4.31
C ALA A 300 -6.98 23.36 -4.13
N GLU A 301 -7.93 23.14 -3.22
CA GLU A 301 -8.94 24.13 -2.87
CA GLU A 301 -8.94 24.15 -2.90
C GLU A 301 -8.31 25.45 -2.39
C GLU A 301 -8.31 25.45 -2.40
N LEU A 302 -7.36 25.33 -1.47
CA LEU A 302 -6.67 26.51 -0.93
C LEU A 302 -5.91 27.30 -2.00
N LEU A 303 -5.27 26.58 -2.92
CA LEU A 303 -4.57 27.21 -4.04
C LEU A 303 -5.52 27.86 -5.05
N THR A 304 -6.63 27.18 -5.33
CA THR A 304 -7.68 27.70 -6.22
C THR A 304 -8.21 29.07 -5.76
N THR A 305 -8.53 29.21 -4.48
CA THR A 305 -9.09 30.46 -3.97
C THR A 305 -8.03 31.52 -3.76
N GLY A 306 -6.77 31.10 -3.73
CA GLY A 306 -5.66 31.99 -3.45
C GLY A 306 -5.37 32.16 -1.98
N ALA A 307 -6.12 31.47 -1.11
CA ALA A 307 -5.88 31.50 0.34
C ALA A 307 -4.48 31.00 0.67
N ALA A 308 -4.05 29.95 -0.04
CA ALA A 308 -2.66 29.51 -0.04
C ALA A 308 -1.95 29.98 -1.30
N LYS A 309 -0.67 30.30 -1.16
CA LYS A 309 0.17 30.69 -2.28
C LYS A 309 1.26 29.64 -2.48
N PRO A 310 1.72 29.44 -3.71
CA PRO A 310 2.89 28.55 -3.93
C PRO A 310 4.04 29.01 -3.04
N GLY A 311 4.74 28.07 -2.41
CA GLY A 311 5.82 28.43 -1.50
C GLY A 311 5.45 28.54 -0.03
N ASP A 312 4.15 28.69 0.26
CA ASP A 312 3.67 28.73 1.65
C ASP A 312 4.08 27.48 2.40
N LEU A 313 4.44 27.64 3.67
CA LEU A 313 4.76 26.52 4.55
C LEU A 313 3.47 25.91 5.08
N ALA A 314 3.26 24.64 4.78
CA ALA A 314 2.04 23.95 5.19
C ALA A 314 2.30 22.77 6.12
N LEU A 315 1.45 22.65 7.14
CA LEU A 315 1.42 21.49 8.02
C LEU A 315 0.28 20.56 7.63
N LEU A 316 0.62 19.33 7.27
CA LEU A 316 -0.35 18.32 6.85
C LEU A 316 -0.48 17.29 7.94
N ILE A 317 -1.70 16.96 8.35
CA ILE A 317 -1.92 15.92 9.36
C ILE A 317 -3.05 15.01 8.92
N GLY A 318 -2.72 13.76 8.58
CA GLY A 318 -3.72 12.77 8.24
C GLY A 318 -4.02 11.87 9.42
N TYR A 319 -5.30 11.59 9.64
CA TYR A 319 -5.73 10.74 10.77
C TYR A 319 -7.01 10.03 10.41
N GLY A 320 -7.08 8.74 10.73
CA GLY A 320 -8.24 7.95 10.34
C GLY A 320 -8.07 6.48 10.60
N ALA A 321 -8.67 5.67 9.73
CA ALA A 321 -8.86 4.24 9.96
C ALA A 321 -7.58 3.47 10.23
N GLY A 322 -7.75 2.41 11.04
CA GLY A 322 -6.69 1.56 11.51
C GLY A 322 -6.45 2.13 12.88
N LEU A 323 -6.92 3.37 12.98
CA LEU A 323 -6.26 4.43 13.68
C LEU A 323 -4.82 4.43 13.20
N SER A 324 -4.63 5.22 12.16
CA SER A 324 -3.35 5.46 11.54
C SER A 324 -3.26 6.97 11.45
N TYR A 325 -2.06 7.51 11.66
CA TYR A 325 -1.82 8.92 11.39
C TYR A 325 -0.49 9.09 10.68
N ALA A 326 -0.40 10.14 9.87
CA ALA A 326 0.83 10.50 9.18
C ALA A 326 0.83 12.00 8.95
N ALA A 327 1.96 12.64 9.24
CA ALA A 327 2.06 14.09 9.12
C ALA A 327 3.41 14.54 8.59
N GLN A 328 3.41 15.72 7.98
CA GLN A 328 4.65 16.35 7.54
C GLN A 328 4.43 17.82 7.24
N VAL A 329 5.50 18.59 7.34
CA VAL A 329 5.49 19.97 6.87
C VAL A 329 5.95 19.94 5.41
N VAL A 330 5.25 20.69 4.56
CA VAL A 330 5.61 20.80 3.15
C VAL A 330 5.55 22.25 2.66
N ARG A 331 6.16 22.53 1.51
CA ARG A 331 6.00 23.81 0.84
C ARG A 331 4.92 23.65 -0.23
N MET A 332 3.98 24.58 -0.28
CA MET A 332 2.85 24.48 -1.20
C MET A 332 3.28 24.47 -2.67
N PRO A 333 2.64 23.61 -3.47
CA PRO A 333 2.94 23.49 -4.90
C PRO A 333 2.18 24.49 -5.77
N LYS A 334 2.10 24.19 -7.07
CA LYS A 334 1.37 25.02 -8.00
C LYS A 334 -0.01 24.43 -8.34
N MET B 1 11.46 32.84 2.78
CA MET B 1 11.35 31.36 2.69
C MET B 1 11.94 30.68 3.92
N THR B 2 11.13 29.88 4.59
CA THR B 2 11.56 29.09 5.74
C THR B 2 12.09 27.74 5.26
N GLU B 3 13.31 27.40 5.67
CA GLU B 3 13.95 26.15 5.26
C GLU B 3 13.34 24.93 5.96
N ILE B 4 13.28 23.81 5.25
CA ILE B 4 12.76 22.56 5.80
C ILE B 4 13.91 21.56 6.03
N ALA B 5 13.96 20.99 7.23
CA ALA B 5 15.03 20.07 7.61
C ALA B 5 14.93 18.70 6.94
N THR B 6 16.05 17.98 6.96
CA THR B 6 16.15 16.63 6.42
C THR B 6 16.78 15.72 7.46
N THR B 7 16.18 14.55 7.68
CA THR B 7 16.79 13.53 8.54
C THR B 7 17.67 12.63 7.68
N SER B 8 18.55 11.87 8.33
CA SER B 8 19.34 10.85 7.66
C SER B 8 19.42 9.62 8.54
N GLY B 9 19.40 8.45 7.91
CA GLY B 9 19.52 7.20 8.63
C GLY B 9 20.76 6.43 8.22
N ALA B 10 20.71 5.12 8.45
CA ALA B 10 21.80 4.23 8.09
C ALA B 10 22.08 4.22 6.59
N ARG B 11 23.33 4.01 6.22
CA ARG B 11 23.69 3.77 4.82
C ARG B 11 23.53 2.29 4.51
N SER B 12 24.00 1.44 5.42
CA SER B 12 24.01 0.00 5.20
C SER B 12 22.83 -0.64 5.89
N VAL B 13 21.93 -1.18 5.08
CA VAL B 13 20.68 -1.75 5.56
C VAL B 13 20.57 -3.19 5.04
N GLY B 14 20.05 -4.08 5.88
CA GLY B 14 19.94 -5.46 5.46
C GLY B 14 18.86 -6.25 6.16
N LEU B 15 18.78 -7.53 5.80
CA LEU B 15 17.79 -8.43 6.36
C LEU B 15 18.38 -9.11 7.58
N LEU B 16 17.85 -8.76 8.75
CA LEU B 16 18.37 -9.29 10.01
C LEU B 16 17.89 -10.72 10.28
N SER B 17 16.70 -11.03 9.78
CA SER B 17 16.10 -12.34 9.97
C SER B 17 14.90 -12.53 9.06
N VAL B 18 14.47 -13.78 8.93
CA VAL B 18 13.19 -14.09 8.29
C VAL B 18 12.42 -15.04 9.22
N GLY B 19 11.10 -14.90 9.23
CA GLY B 19 10.23 -15.79 9.97
C GLY B 19 9.11 -16.26 9.06
N ALA B 20 8.80 -17.55 9.12
CA ALA B 20 7.83 -18.15 8.22
C ALA B 20 6.67 -18.78 8.96
N TYR B 21 5.45 -18.53 8.47
CA TYR B 21 4.28 -19.23 8.94
C TYR B 21 3.60 -19.99 7.80
N ARG B 22 3.59 -21.31 7.95
CA ARG B 22 2.94 -22.21 7.01
C ARG B 22 1.76 -22.87 7.71
N PRO B 23 0.54 -22.58 7.25
CA PRO B 23 -0.68 -23.10 7.87
C PRO B 23 -0.68 -24.64 7.96
N GLU B 24 -1.25 -25.18 9.03
CA GLU B 24 -1.23 -26.61 9.33
C GLU B 24 -1.71 -27.53 8.21
N ARG B 25 -2.87 -27.21 7.62
CA ARG B 25 -3.55 -28.09 6.67
C ARG B 25 -2.78 -28.25 5.35
N VAL B 26 -2.32 -29.47 5.09
CA VAL B 26 -1.70 -29.81 3.82
C VAL B 26 -2.79 -30.27 2.86
N VAL B 27 -2.77 -29.69 1.66
CA VAL B 27 -3.74 -30.05 0.62
C VAL B 27 -3.00 -30.67 -0.57
N THR B 28 -3.31 -31.92 -0.86
CA THR B 28 -2.67 -32.64 -1.96
C THR B 28 -3.29 -32.24 -3.29
N ASN B 29 -2.60 -32.56 -4.38
CA ASN B 29 -3.13 -32.37 -5.72
C ASN B 29 -4.44 -33.12 -5.97
N ASP B 30 -4.50 -34.35 -5.48
CA ASP B 30 -5.70 -35.18 -5.61
C ASP B 30 -6.91 -34.56 -4.91
N GLU B 31 -6.69 -34.00 -3.72
CA GLU B 31 -7.76 -33.32 -2.99
C GLU B 31 -8.32 -32.13 -3.76
N ILE B 32 -7.44 -31.46 -4.51
CA ILE B 32 -7.83 -30.40 -5.43
C ILE B 32 -8.56 -30.95 -6.67
N CYS B 33 -8.11 -32.11 -7.17
CA CYS B 33 -8.64 -32.72 -8.38
C CYS B 33 -10.12 -33.18 -8.28
N GLN B 34 -10.80 -32.78 -7.22
CA GLN B 34 -12.14 -33.31 -6.93
C GLN B 34 -13.26 -32.68 -7.76
N HIS B 35 -13.07 -31.45 -8.21
CA HIS B 35 -14.06 -30.77 -9.03
C HIS B 35 -13.56 -30.44 -10.45
N ILE B 36 -12.37 -30.92 -10.78
CA ILE B 36 -11.80 -30.76 -12.13
C ILE B 36 -11.34 -32.10 -12.70
N ASP B 37 -11.10 -32.13 -14.01
CA ASP B 37 -10.60 -33.33 -14.69
C ASP B 37 -9.09 -33.22 -14.87
N SER B 38 -8.35 -33.67 -13.87
CA SER B 38 -6.88 -33.59 -13.89
C SER B 38 -6.24 -34.75 -13.12
N SER B 39 -4.94 -34.63 -12.87
CA SER B 39 -4.21 -35.64 -12.11
C SER B 39 -3.04 -35.02 -11.35
N ASP B 40 -2.59 -35.70 -10.30
CA ASP B 40 -1.42 -35.30 -9.53
C ASP B 40 -0.21 -35.16 -10.45
N GLU B 41 -0.02 -36.18 -11.30
CA GLU B 41 1.05 -36.20 -12.29
C GLU B 41 1.06 -34.96 -13.19
N TRP B 42 -0.11 -34.60 -13.74
CA TRP B 42 -0.21 -33.45 -14.63
C TRP B 42 0.10 -32.14 -13.92
N ILE B 43 -0.55 -31.91 -12.77
CA ILE B 43 -0.32 -30.69 -12.00
C ILE B 43 1.17 -30.52 -11.66
N TYR B 44 1.78 -31.58 -11.14
CA TYR B 44 3.19 -31.52 -10.75
C TYR B 44 4.12 -31.24 -11.95
N THR B 45 3.88 -31.93 -13.06
CA THR B 45 4.68 -31.73 -14.27
C THR B 45 4.55 -30.29 -14.80
N ARG B 46 3.33 -29.78 -14.81
CA ARG B 46 3.04 -28.48 -15.42
C ARG B 46 3.36 -27.26 -14.53
N THR B 47 3.29 -27.45 -13.20
CA THR B 47 3.44 -26.32 -12.27
C THR B 47 4.57 -26.49 -11.25
N GLY B 48 4.96 -27.73 -10.99
CA GLY B 48 5.95 -28.04 -9.97
C GLY B 48 5.37 -28.19 -8.57
N ILE B 49 4.03 -28.19 -8.47
CA ILE B 49 3.35 -28.29 -7.18
C ILE B 49 2.92 -29.72 -6.85
N LYS B 50 3.27 -30.18 -5.66
CA LYS B 50 2.78 -31.47 -5.14
C LYS B 50 1.73 -31.24 -4.06
N THR B 51 2.02 -30.34 -3.11
CA THR B 51 1.08 -29.97 -2.06
C THR B 51 1.04 -28.46 -1.85
N ARG B 52 0.03 -28.00 -1.12
CA ARG B 52 -0.02 -26.61 -0.65
C ARG B 52 -0.71 -26.54 0.71
N ARG B 53 -0.54 -25.42 1.40
CA ARG B 53 -1.16 -25.22 2.71
C ARG B 53 -2.35 -24.29 2.63
N PHE B 54 -3.43 -24.66 3.33
CA PHE B 54 -4.60 -23.80 3.47
C PHE B 54 -4.74 -23.38 4.93
N ALA B 55 -4.99 -22.09 5.13
CA ALA B 55 -5.28 -21.55 6.46
C ALA B 55 -6.64 -22.04 6.95
N ALA B 56 -6.83 -22.09 8.26
CA ALA B 56 -8.12 -22.45 8.84
C ALA B 56 -9.12 -21.31 8.69
N ASP B 57 -10.40 -21.60 8.91
CA ASP B 57 -11.45 -20.59 8.79
C ASP B 57 -11.28 -19.44 9.77
N ASP B 58 -10.69 -19.72 10.93
CA ASP B 58 -10.48 -18.70 11.96
C ASP B 58 -9.21 -17.86 11.76
N GLU B 59 -8.48 -18.15 10.68
CA GLU B 59 -7.26 -17.41 10.35
C GLU B 59 -7.50 -16.38 9.26
N SER B 60 -6.64 -15.38 9.20
CA SER B 60 -6.72 -14.34 8.19
C SER B 60 -5.32 -13.99 7.72
N ALA B 61 -5.24 -13.21 6.64
CA ALA B 61 -3.97 -12.63 6.23
C ALA B 61 -3.29 -11.93 7.40
N ALA B 62 -4.07 -11.17 8.17
CA ALA B 62 -3.54 -10.43 9.32
C ALA B 62 -3.00 -11.36 10.41
N SER B 63 -3.78 -12.39 10.79
CA SER B 63 -3.36 -13.30 11.86
C SER B 63 -2.07 -14.05 11.48
N MET B 64 -1.98 -14.48 10.22
CA MET B 64 -0.78 -15.15 9.75
C MET B 64 0.43 -14.21 9.73
N ALA B 65 0.19 -12.97 9.30
CA ALA B 65 1.23 -11.93 9.30
C ALA B 65 1.83 -11.75 10.69
N THR B 66 0.97 -11.63 11.69
CA THR B 66 1.38 -11.50 13.08
C THR B 66 2.29 -12.66 13.54
N GLU B 67 1.87 -13.89 13.28
CA GLU B 67 2.67 -15.06 13.63
C GLU B 67 4.03 -15.06 12.93
N ALA B 68 4.04 -14.74 11.64
CA ALA B 68 5.29 -14.63 10.88
C ALA B 68 6.24 -13.59 11.49
N CYS B 69 5.68 -12.44 11.89
CA CYS B 69 6.44 -11.38 12.54
C CYS B 69 7.02 -11.80 13.90
N ARG B 70 6.21 -12.52 14.68
CA ARG B 70 6.66 -13.05 15.97
C ARG B 70 7.91 -13.90 15.78
N ARG B 71 7.87 -14.74 14.75
CA ARG B 71 8.96 -15.68 14.48
C ARG B 71 10.20 -14.95 13.95
N ALA B 72 9.97 -13.95 13.10
CA ALA B 72 11.06 -13.11 12.58
C ALA B 72 11.77 -12.39 13.71
N LEU B 73 11.00 -11.85 14.65
CA LEU B 73 11.55 -11.16 15.81
C LEU B 73 12.39 -12.13 16.65
N SER B 74 11.85 -13.33 16.89
CA SER B 74 12.59 -14.35 17.63
C SER B 74 13.90 -14.72 16.93
N ASN B 75 13.82 -14.91 15.61
CA ASN B 75 15.00 -15.28 14.82
C ASN B 75 16.06 -14.18 14.76
N ALA B 76 15.64 -12.94 15.01
CA ALA B 76 16.56 -11.79 15.05
C ALA B 76 17.05 -11.49 16.48
N GLY B 77 16.49 -12.20 17.46
CA GLY B 77 16.79 -11.94 18.87
C GLY B 77 16.28 -10.57 19.30
N LEU B 78 15.19 -10.12 18.69
CA LEU B 78 14.60 -8.82 18.97
C LEU B 78 13.20 -8.95 19.56
N SER B 79 12.71 -7.86 20.13
CA SER B 79 11.33 -7.77 20.62
C SER B 79 10.59 -6.70 19.83
N ALA B 80 9.27 -6.62 20.01
CA ALA B 80 8.45 -5.61 19.31
C ALA B 80 8.91 -4.18 19.61
N ALA B 81 9.43 -3.96 20.82
CA ALA B 81 9.95 -2.66 21.23
C ALA B 81 11.10 -2.14 20.34
N ASP B 82 11.79 -3.05 19.67
CA ASP B 82 12.90 -2.72 18.77
C ASP B 82 12.45 -2.28 17.36
N ILE B 83 11.15 -2.42 17.08
CA ILE B 83 10.60 -2.15 15.74
C ILE B 83 9.98 -0.75 15.67
N ASP B 84 10.27 -0.05 14.59
CA ASP B 84 9.79 1.33 14.42
C ASP B 84 8.63 1.45 13.47
N GLY B 85 8.44 0.45 12.62
CA GLY B 85 7.36 0.45 11.65
C GLY B 85 7.15 -0.92 11.05
N VAL B 86 5.95 -1.14 10.52
CA VAL B 86 5.62 -2.42 9.90
C VAL B 86 4.88 -2.17 8.57
N ILE B 87 5.37 -2.77 7.49
CA ILE B 87 4.64 -2.76 6.23
C ILE B 87 4.07 -4.15 5.97
N VAL B 88 2.75 -4.21 5.83
CA VAL B 88 2.10 -5.47 5.47
C VAL B 88 1.83 -5.44 3.98
N THR B 89 2.38 -6.40 3.25
CA THR B 89 2.02 -6.53 1.85
C THR B 89 1.18 -7.78 1.63
N THR B 90 0.03 -7.54 1.01
CA THR B 90 -1.00 -8.57 0.85
C THR B 90 -1.99 -8.12 -0.22
N ASN B 91 -2.73 -9.08 -0.75
CA ASN B 91 -3.81 -8.78 -1.69
C ASN B 91 -5.09 -9.49 -1.26
N THR B 92 -5.10 -10.00 -0.03
CA THR B 92 -6.22 -10.78 0.52
C THR B 92 -6.63 -10.34 1.93
N HIS B 93 -6.46 -9.05 2.23
CA HIS B 93 -7.10 -8.45 3.40
C HIS B 93 -8.51 -8.11 2.95
N PHE B 94 -9.49 -8.84 3.48
CA PHE B 94 -10.85 -8.81 2.92
C PHE B 94 -11.76 -7.73 3.51
N LEU B 95 -11.14 -6.64 3.97
CA LEU B 95 -11.88 -5.46 4.42
C LEU B 95 -11.31 -4.28 3.66
N GLN B 96 -12.19 -3.38 3.21
CA GLN B 96 -11.73 -2.13 2.58
C GLN B 96 -10.95 -1.32 3.61
N THR B 97 -11.41 -1.39 4.86
CA THR B 97 -10.82 -0.70 5.98
C THR B 97 -11.33 -1.36 7.28
N PRO B 98 -10.58 -1.32 8.39
CA PRO B 98 -9.26 -0.67 8.50
C PRO B 98 -8.14 -1.48 7.88
N PRO B 99 -6.97 -0.87 7.69
CA PRO B 99 -5.79 -1.58 7.17
C PRO B 99 -5.28 -2.60 8.19
N ALA B 100 -4.60 -3.65 7.70
CA ALA B 100 -4.07 -4.71 8.55
C ALA B 100 -2.88 -4.28 9.42
N ALA B 101 -2.04 -3.39 8.90
CA ALA B 101 -0.78 -3.04 9.60
C ALA B 101 -0.95 -2.63 11.08
N PRO B 102 -1.84 -1.68 11.41
CA PRO B 102 -2.04 -1.29 12.81
C PRO B 102 -2.50 -2.45 13.70
N MET B 103 -3.34 -3.34 13.19
CA MET B 103 -3.81 -4.46 13.99
C MET B 103 -2.70 -5.48 14.23
N VAL B 104 -1.87 -5.70 13.20
CA VAL B 104 -0.68 -6.54 13.36
C VAL B 104 0.26 -5.93 14.42
N ALA B 105 0.54 -4.63 14.30
CA ALA B 105 1.37 -3.92 15.28
C ALA B 105 0.83 -4.09 16.70
N ALA B 106 -0.49 -3.92 16.86
CA ALA B 106 -1.12 -4.05 18.18
C ALA B 106 -1.02 -5.47 18.72
N SER B 107 -1.21 -6.46 17.84
CA SER B 107 -1.11 -7.86 18.23
C SER B 107 0.28 -8.19 18.75
N LEU B 108 1.30 -7.59 18.14
CA LEU B 108 2.69 -7.79 18.53
C LEU B 108 3.06 -7.09 19.84
N GLY B 109 2.19 -6.21 20.34
CA GLY B 109 2.48 -5.46 21.55
C GLY B 109 3.18 -4.14 21.25
N ALA B 110 3.00 -3.65 20.03
CA ALA B 110 3.54 -2.35 19.64
C ALA B 110 2.46 -1.54 18.92
N LYS B 111 1.30 -1.38 19.56
CA LYS B 111 0.11 -0.73 18.96
C LYS B 111 0.33 0.64 18.32
N GLY B 112 1.40 1.32 18.74
CA GLY B 112 1.63 2.70 18.34
C GLY B 112 2.52 2.94 17.13
N ILE B 113 3.22 1.90 16.68
CA ILE B 113 4.21 2.09 15.61
C ILE B 113 3.55 2.41 14.27
N LEU B 114 4.28 3.13 13.42
CA LEU B 114 3.81 3.44 12.08
C LEU B 114 3.66 2.19 11.22
N GLY B 115 2.82 2.28 10.21
CA GLY B 115 2.67 1.18 9.28
C GLY B 115 1.52 1.35 8.33
N PHE B 116 1.53 0.57 7.26
CA PHE B 116 0.51 0.61 6.22
C PHE B 116 0.48 -0.68 5.43
N ASP B 117 -0.57 -0.84 4.62
CA ASP B 117 -0.70 -2.00 3.76
C ASP B 117 -0.28 -1.59 2.36
N LEU B 118 0.47 -2.47 1.68
CA LEU B 118 0.93 -2.23 0.32
C LEU B 118 0.47 -3.39 -0.57
N SER B 119 -0.23 -3.07 -1.65
CA SER B 119 -0.72 -4.09 -2.57
C SER B 119 -0.08 -3.91 -3.94
N ALA B 120 0.57 -4.94 -4.44
CA ALA B 120 1.13 -4.95 -5.80
C ALA B 120 1.23 -6.38 -6.34
N GLY B 121 0.25 -7.20 -6.01
CA GLY B 121 0.30 -8.62 -6.31
C GLY B 121 1.58 -9.24 -5.77
N ALA B 122 2.16 -10.16 -6.52
CA ALA B 122 3.40 -10.83 -6.11
C ALA B 122 4.59 -9.88 -5.93
N ALA B 123 4.58 -8.75 -6.64
CA ALA B 123 5.68 -7.79 -6.56
C ALA B 123 5.68 -6.99 -5.25
N GLY B 124 4.62 -7.15 -4.45
CA GLY B 124 4.45 -6.41 -3.22
C GLY B 124 5.62 -6.52 -2.24
N PHE B 125 6.19 -7.72 -2.12
CA PHE B 125 7.32 -7.90 -1.19
C PHE B 125 8.52 -7.05 -1.59
N GLY B 126 8.90 -7.09 -2.87
CA GLY B 126 9.98 -6.27 -3.38
C GLY B 126 9.76 -4.77 -3.20
N TYR B 127 8.53 -4.33 -3.44
CA TYR B 127 8.16 -2.92 -3.25
C TYR B 127 8.24 -2.52 -1.78
N ALA B 128 7.68 -3.35 -0.90
CA ALA B 128 7.68 -3.10 0.54
C ALA B 128 9.10 -3.11 1.13
N LEU B 129 9.90 -4.09 0.72
CA LEU B 129 11.29 -4.15 1.14
C LEU B 129 12.05 -2.90 0.70
N GLY B 130 11.84 -2.51 -0.55
CA GLY B 130 12.43 -1.29 -1.09
C GLY B 130 12.01 -0.04 -0.32
N ALA B 131 10.71 0.04 0.00
CA ALA B 131 10.18 1.16 0.75
C ALA B 131 10.70 1.17 2.19
N ALA B 132 10.89 -0.01 2.77
CA ALA B 132 11.44 -0.11 4.12
C ALA B 132 12.88 0.39 4.14
N ALA B 133 13.68 -0.07 3.18
CA ALA B 133 15.07 0.38 3.05
C ALA B 133 15.15 1.89 2.86
N ASP B 134 14.33 2.43 1.96
CA ASP B 134 14.28 3.86 1.67
C ASP B 134 13.92 4.68 2.91
N MET B 135 12.95 4.20 3.70
CA MET B 135 12.54 4.90 4.92
C MET B 135 13.66 4.91 5.97
N ILE B 136 14.30 3.76 6.16
CA ILE B 136 15.39 3.61 7.12
C ILE B 136 16.59 4.47 6.75
N ARG B 137 17.01 4.41 5.49
CA ARG B 137 18.11 5.25 4.99
C ARG B 137 17.77 6.74 5.08
N GLY B 138 16.48 7.06 4.91
CA GLY B 138 16.00 8.43 5.02
C GLY B 138 15.92 8.94 6.47
N GLY B 139 16.02 8.04 7.43
CA GLY B 139 15.96 8.40 8.84
C GLY B 139 14.57 8.40 9.46
N GLY B 140 13.58 7.87 8.72
CA GLY B 140 12.21 7.82 9.21
C GLY B 140 11.94 6.65 10.14
N ALA B 141 12.89 5.71 10.18
CA ALA B 141 12.82 4.51 11.00
C ALA B 141 14.24 3.95 11.10
N ALA B 142 14.48 3.10 12.09
CA ALA B 142 15.78 2.45 12.27
C ALA B 142 15.68 0.95 11.98
N THR B 143 14.58 0.35 12.46
CA THR B 143 14.32 -1.08 12.26
C THR B 143 12.86 -1.25 11.90
N MET B 144 12.59 -2.09 10.90
CA MET B 144 11.23 -2.31 10.43
C MET B 144 10.90 -3.79 10.24
N LEU B 145 9.61 -4.11 10.30
CA LEU B 145 9.11 -5.40 9.86
C LEU B 145 8.46 -5.23 8.49
N VAL B 146 8.77 -6.15 7.59
CA VAL B 146 8.12 -6.21 6.28
C VAL B 146 7.58 -7.62 6.18
N VAL B 147 6.26 -7.74 6.05
CA VAL B 147 5.61 -9.04 6.04
C VAL B 147 4.72 -9.23 4.82
N GLY B 148 4.99 -10.30 4.08
CA GLY B 148 4.13 -10.71 2.99
C GLY B 148 3.19 -11.75 3.52
N THR B 149 1.90 -11.57 3.27
CA THR B 149 0.90 -12.52 3.76
C THR B 149 -0.23 -12.68 2.78
N GLU B 150 -0.73 -13.91 2.64
CA GLU B 150 -1.79 -14.18 1.70
C GLU B 150 -2.71 -15.29 2.19
N LYS B 151 -4.02 -15.02 2.22
CA LYS B 151 -5.02 -16.07 2.38
C LYS B 151 -5.85 -16.13 1.11
N LEU B 152 -5.32 -16.83 0.11
CA LEU B 152 -5.94 -16.92 -1.20
C LEU B 152 -7.01 -18.00 -1.30
N SER B 153 -6.92 -19.03 -0.45
CA SER B 153 -7.83 -20.19 -0.54
C SER B 153 -9.32 -19.89 -0.66
N PRO B 154 -9.85 -18.91 0.08
CA PRO B 154 -11.28 -18.56 -0.05
C PRO B 154 -11.65 -17.87 -1.36
N THR B 155 -10.66 -17.47 -2.17
CA THR B 155 -10.95 -16.82 -3.46
C THR B 155 -10.81 -17.79 -4.63
N ILE B 156 -10.51 -19.05 -4.32
CA ILE B 156 -10.35 -20.08 -5.34
C ILE B 156 -11.68 -20.72 -5.74
N ASP B 157 -11.93 -20.73 -7.04
CA ASP B 157 -13.04 -21.47 -7.65
C ASP B 157 -12.54 -22.90 -7.93
N MET B 158 -13.10 -23.87 -7.21
CA MET B 158 -12.65 -25.27 -7.30
C MET B 158 -12.93 -25.86 -8.67
N TYR B 159 -13.79 -25.20 -9.45
CA TYR B 159 -14.10 -25.63 -10.80
C TYR B 159 -13.21 -24.97 -11.87
N ASP B 160 -12.34 -24.06 -11.45
CA ASP B 160 -11.44 -23.40 -12.38
C ASP B 160 -10.27 -24.31 -12.76
N ARG B 161 -10.34 -24.88 -13.96
CA ARG B 161 -9.35 -25.84 -14.46
C ARG B 161 -7.97 -25.20 -14.68
N GLY B 162 -7.90 -23.88 -14.56
CA GLY B 162 -6.68 -23.14 -14.80
C GLY B 162 -5.89 -22.75 -13.57
N ASN B 163 -6.55 -22.65 -12.40
CA ASN B 163 -5.83 -22.14 -11.23
C ASN B 163 -6.19 -22.73 -9.86
N CYS B 164 -7.18 -23.61 -9.78
CA CYS B 164 -7.58 -24.12 -8.48
C CYS B 164 -6.43 -24.81 -7.72
N PHE B 165 -5.48 -25.36 -8.47
CA PHE B 165 -4.31 -26.05 -7.93
C PHE B 165 -3.09 -25.14 -7.77
N ILE B 166 -3.24 -23.86 -8.14
CA ILE B 166 -2.12 -22.91 -8.12
C ILE B 166 -1.98 -22.13 -6.80
N PHE B 167 -3.04 -21.47 -6.36
CA PHE B 167 -2.94 -20.53 -5.24
C PHE B 167 -3.04 -21.22 -3.88
N ALA B 168 -2.44 -20.60 -2.87
CA ALA B 168 -2.38 -21.15 -1.51
C ALA B 168 -2.15 -20.07 -0.47
N ASP B 169 -2.03 -20.47 0.80
CA ASP B 169 -1.96 -19.55 1.92
C ASP B 169 -0.63 -19.63 2.65
N GLY B 170 -0.27 -18.53 3.32
CA GLY B 170 0.94 -18.46 4.13
C GLY B 170 1.43 -17.03 4.32
N ALA B 171 2.45 -16.88 5.16
CA ALA B 171 3.01 -15.57 5.48
C ALA B 171 4.45 -15.71 5.90
N ALA B 172 5.28 -14.75 5.50
CA ALA B 172 6.64 -14.69 5.99
C ALA B 172 7.10 -13.25 6.12
N ALA B 173 7.86 -12.99 7.18
CA ALA B 173 8.28 -11.64 7.52
C ALA B 173 9.80 -11.55 7.58
N VAL B 174 10.32 -10.38 7.26
CA VAL B 174 11.74 -10.07 7.46
C VAL B 174 11.89 -8.89 8.41
N VAL B 175 12.96 -8.91 9.20
CA VAL B 175 13.34 -7.73 9.98
C VAL B 175 14.39 -7.00 9.15
N VAL B 176 14.14 -5.71 8.91
CA VAL B 176 15.06 -4.87 8.16
C VAL B 176 15.68 -3.84 9.08
N GLY B 177 17.01 -3.72 9.02
CA GLY B 177 17.71 -2.78 9.90
C GLY B 177 19.13 -2.54 9.49
N GLU B 178 19.84 -1.72 10.27
CA GLU B 178 21.24 -1.43 9.99
C GLU B 178 22.11 -2.69 10.06
N THR B 179 23.00 -2.84 9.09
CA THR B 179 23.94 -3.97 9.02
C THR B 179 25.36 -3.44 8.79
N PRO B 180 26.38 -4.23 9.16
CA PRO B 180 27.78 -3.83 8.97
C PRO B 180 28.13 -3.57 7.50
N PHE B 181 27.47 -4.28 6.60
CA PHE B 181 27.67 -4.08 5.17
C PHE B 181 26.35 -4.02 4.42
N GLN B 182 26.38 -3.47 3.21
CA GLN B 182 25.16 -3.22 2.42
C GLN B 182 24.42 -4.53 2.11
N GLY B 183 23.18 -4.61 2.59
CA GLY B 183 22.40 -5.84 2.45
C GLY B 183 21.23 -5.78 1.50
N ILE B 184 20.83 -4.58 1.09
CA ILE B 184 19.72 -4.42 0.16
C ILE B 184 20.13 -3.48 -0.96
N GLY B 185 20.14 -4.01 -2.18
CA GLY B 185 20.48 -3.21 -3.36
C GLY B 185 19.34 -2.34 -3.84
N PRO B 186 19.62 -1.51 -4.84
CA PRO B 186 18.60 -0.64 -5.43
C PRO B 186 17.40 -1.41 -5.98
N THR B 187 16.20 -0.85 -5.80
CA THR B 187 14.98 -1.46 -6.29
C THR B 187 14.87 -1.28 -7.79
N VAL B 188 14.59 -2.36 -8.49
CA VAL B 188 14.25 -2.30 -9.91
C VAL B 188 12.79 -2.74 -10.06
N ALA B 189 11.97 -1.86 -10.63
CA ALA B 189 10.53 -2.14 -10.68
C ALA B 189 9.84 -1.51 -11.88
N GLY B 190 8.61 -1.96 -12.14
CA GLY B 190 7.84 -1.46 -13.26
C GLY B 190 6.56 -2.25 -13.37
N SER B 191 5.78 -1.99 -14.40
CA SER B 191 4.56 -2.75 -14.61
C SER B 191 4.15 -2.86 -16.08
N ASP B 192 3.02 -3.53 -16.30
CA ASP B 192 2.36 -3.54 -17.59
C ASP B 192 0.87 -3.52 -17.35
N GLY B 193 0.34 -2.31 -17.15
CA GLY B 193 -1.08 -2.11 -16.90
C GLY B 193 -1.99 -2.51 -18.04
N GLU B 194 -1.40 -2.71 -19.23
CA GLU B 194 -2.15 -3.14 -20.40
C GLU B 194 -2.56 -4.62 -20.31
N GLN B 195 -1.97 -5.32 -19.35
CA GLN B 195 -2.28 -6.73 -19.11
C GLN B 195 -2.87 -6.92 -17.72
N ALA B 196 -3.63 -5.91 -17.27
CA ALA B 196 -4.21 -5.93 -15.92
C ALA B 196 -5.18 -7.09 -15.68
N ASP B 197 -5.83 -7.57 -16.74
CA ASP B 197 -6.78 -8.69 -16.62
C ASP B 197 -6.13 -10.06 -16.39
N ALA B 198 -4.82 -10.17 -16.59
CA ALA B 198 -4.12 -11.46 -16.52
C ALA B 198 -4.26 -12.14 -15.16
N ILE B 199 -4.22 -11.35 -14.10
CA ILE B 199 -4.49 -11.83 -12.75
C ILE B 199 -5.48 -10.86 -12.09
N ARG B 200 -6.69 -11.37 -11.80
CA ARG B 200 -7.76 -10.49 -11.35
C ARG B 200 -8.83 -11.20 -10.52
N GLN B 201 -9.48 -10.42 -9.66
CA GLN B 201 -10.79 -10.78 -9.15
C GLN B 201 -11.75 -10.45 -10.28
N ASP B 202 -12.58 -11.41 -10.68
CA ASP B 202 -13.40 -11.24 -11.89
C ASP B 202 -14.57 -10.25 -11.75
N ILE B 203 -15.16 -10.19 -10.56
CA ILE B 203 -16.29 -9.30 -10.30
C ILE B 203 -15.94 -8.44 -9.10
N ASP B 204 -16.04 -7.11 -9.23
CA ASP B 204 -15.73 -6.25 -8.09
C ASP B 204 -16.76 -6.41 -6.98
N TRP B 205 -16.34 -6.12 -5.75
CA TRP B 205 -17.15 -6.38 -4.56
C TRP B 205 -18.49 -5.63 -4.55
N ILE B 206 -18.54 -4.43 -5.12
CA ILE B 206 -19.76 -3.63 -5.11
C ILE B 206 -20.81 -4.14 -6.11
N THR B 207 -20.38 -4.41 -7.33
CA THR B 207 -21.23 -5.04 -8.34
C THR B 207 -21.81 -6.36 -7.78
N PHE B 208 -20.95 -7.14 -7.15
CA PHE B 208 -21.38 -8.38 -6.50
C PHE B 208 -22.40 -8.13 -5.39
N ALA B 209 -22.09 -7.19 -4.50
CA ALA B 209 -23.00 -6.85 -3.39
C ALA B 209 -24.38 -6.46 -3.88
N GLN B 210 -24.42 -5.76 -5.02
CA GLN B 210 -25.67 -5.31 -5.61
C GLN B 210 -26.40 -6.40 -6.41
N ASN B 211 -25.71 -7.50 -6.70
CA ASN B 211 -26.32 -8.64 -7.40
C ASN B 211 -26.02 -10.00 -6.76
N PRO B 212 -26.56 -10.24 -5.57
CA PRO B 212 -26.25 -11.45 -4.80
C PRO B 212 -26.74 -12.73 -5.47
N SER B 213 -27.73 -12.62 -6.35
CA SER B 213 -28.27 -13.77 -7.05
C SER B 213 -27.43 -14.15 -8.27
N GLY B 214 -26.47 -13.29 -8.63
CA GLY B 214 -25.52 -13.58 -9.70
C GLY B 214 -24.33 -14.38 -9.19
N PRO B 215 -23.28 -14.47 -10.01
CA PRO B 215 -22.07 -15.18 -9.62
C PRO B 215 -21.34 -14.41 -8.53
N ARG B 216 -20.63 -15.13 -7.65
CA ARG B 216 -19.75 -14.49 -6.68
C ARG B 216 -18.34 -14.33 -7.29
N PRO B 217 -17.54 -13.42 -6.74
CA PRO B 217 -16.18 -13.20 -7.27
C PRO B 217 -15.22 -14.32 -6.90
N PHE B 218 -14.34 -14.62 -7.85
CA PHE B 218 -13.23 -15.54 -7.66
C PHE B 218 -11.98 -14.94 -8.27
N VAL B 219 -10.82 -15.42 -7.85
CA VAL B 219 -9.56 -15.06 -8.50
C VAL B 219 -9.41 -15.81 -9.81
N ARG B 220 -9.07 -15.08 -10.87
CA ARG B 220 -8.85 -15.65 -12.18
C ARG B 220 -7.41 -15.42 -12.60
N LEU B 221 -6.85 -16.41 -13.27
CA LEU B 221 -5.49 -16.32 -13.78
C LEU B 221 -5.49 -16.74 -15.25
N GLU B 222 -4.97 -15.85 -16.09
CA GLU B 222 -4.78 -16.17 -17.49
C GLU B 222 -3.36 -16.72 -17.55
N GLY B 223 -3.21 -17.98 -17.13
CA GLY B 223 -1.93 -18.64 -16.96
C GLY B 223 -0.89 -18.44 -18.05
N PRO B 224 -1.21 -18.82 -19.28
CA PRO B 224 -0.30 -18.66 -20.42
C PRO B 224 0.22 -17.23 -20.62
N ALA B 225 -0.65 -16.23 -20.44
CA ALA B 225 -0.27 -14.82 -20.60
C ALA B 225 0.78 -14.40 -19.56
N VAL B 226 0.57 -14.81 -18.31
CA VAL B 226 1.54 -14.51 -17.24
C VAL B 226 2.82 -15.32 -17.47
N PHE B 227 2.67 -16.60 -17.79
CA PHE B 227 3.82 -17.46 -18.10
C PHE B 227 4.72 -16.80 -19.14
N ARG B 228 4.11 -16.38 -20.25
CA ARG B 228 4.82 -15.77 -21.36
C ARG B 228 5.57 -14.53 -20.93
N TRP B 229 4.83 -13.62 -20.30
CA TRP B 229 5.38 -12.35 -19.84
C TRP B 229 6.57 -12.59 -18.91
N ALA B 230 6.36 -13.41 -17.88
CA ALA B 230 7.41 -13.66 -16.88
C ALA B 230 8.66 -14.30 -17.51
N ALA B 231 8.46 -15.33 -18.32
CA ALA B 231 9.58 -16.07 -18.91
C ALA B 231 10.39 -15.22 -19.88
N PHE B 232 9.71 -14.34 -20.62
CA PHE B 232 10.36 -13.53 -21.65
C PHE B 232 10.92 -12.20 -21.13
N LYS B 233 10.36 -11.68 -20.03
CA LYS B 233 10.72 -10.34 -19.57
C LYS B 233 11.51 -10.24 -18.26
N MET B 234 11.38 -11.24 -17.38
CA MET B 234 12.00 -11.16 -16.04
C MET B 234 13.52 -11.32 -16.02
N GLY B 235 14.07 -11.99 -17.03
CA GLY B 235 15.51 -12.06 -17.20
C GLY B 235 16.17 -10.69 -17.28
N ASP B 236 15.63 -9.83 -18.14
CA ASP B 236 16.10 -8.45 -18.26
C ASP B 236 15.96 -7.67 -16.95
N VAL B 237 14.87 -7.93 -16.24
CA VAL B 237 14.62 -7.29 -14.94
C VAL B 237 15.70 -7.70 -13.95
N GLY B 238 16.01 -9.00 -13.92
CA GLY B 238 17.06 -9.53 -13.05
C GLY B 238 18.41 -8.92 -13.36
N ARG B 239 18.75 -8.83 -14.64
CA ARG B 239 20.00 -8.23 -15.06
C ARG B 239 20.09 -6.77 -14.65
N ARG B 240 18.97 -6.05 -14.75
CA ARG B 240 18.89 -4.65 -14.30
C ARG B 240 19.13 -4.53 -12.79
N ALA B 241 18.52 -5.43 -12.01
CA ALA B 241 18.71 -5.45 -10.55
C ALA B 241 20.16 -5.74 -10.16
N MET B 242 20.78 -6.72 -10.83
CA MET B 242 22.18 -7.06 -10.57
C MET B 242 23.10 -5.91 -10.95
N ASP B 243 22.84 -5.30 -12.10
CA ASP B 243 23.58 -4.13 -12.57
C ASP B 243 23.52 -2.98 -11.56
N ALA B 244 22.33 -2.71 -11.05
CA ALA B 244 22.12 -1.63 -10.08
C ALA B 244 22.84 -1.90 -8.76
N ALA B 245 22.96 -3.17 -8.40
CA ALA B 245 23.64 -3.59 -7.17
C ALA B 245 25.15 -3.73 -7.37
N GLY B 246 25.58 -3.62 -8.63
CA GLY B 246 27.00 -3.74 -8.97
C GLY B 246 27.53 -5.14 -8.81
N VAL B 247 26.69 -6.14 -9.07
CA VAL B 247 27.09 -7.54 -8.98
C VAL B 247 26.91 -8.25 -10.32
N ARG B 248 27.74 -9.27 -10.57
CA ARG B 248 27.67 -10.05 -11.80
C ARG B 248 26.78 -11.26 -11.60
N PRO B 249 26.14 -11.74 -12.68
CA PRO B 249 25.36 -12.98 -12.63
C PRO B 249 26.11 -14.14 -11.95
N ASP B 250 27.41 -14.26 -12.20
CA ASP B 250 28.19 -15.35 -11.62
C ASP B 250 28.58 -15.15 -10.15
N GLN B 251 28.12 -14.07 -9.54
CA GLN B 251 28.39 -13.81 -8.11
C GLN B 251 27.17 -14.10 -7.24
N ILE B 252 26.02 -14.30 -7.89
CA ILE B 252 24.78 -14.66 -7.21
C ILE B 252 24.86 -16.09 -6.68
N ASP B 253 24.61 -16.26 -5.39
CA ASP B 253 24.63 -17.58 -4.76
C ASP B 253 23.26 -18.22 -4.80
N VAL B 254 22.23 -17.37 -4.74
CA VAL B 254 20.86 -17.79 -4.51
C VAL B 254 19.90 -16.98 -5.39
N PHE B 255 18.98 -17.68 -6.08
CA PHE B 255 17.98 -17.02 -6.92
C PHE B 255 16.60 -17.29 -6.32
N VAL B 256 15.91 -16.22 -5.96
CA VAL B 256 14.59 -16.33 -5.33
C VAL B 256 13.52 -15.60 -6.14
N PRO B 257 13.06 -16.23 -7.21
CA PRO B 257 11.93 -15.68 -7.97
C PRO B 257 10.62 -15.97 -7.25
N HIS B 258 9.60 -15.18 -7.55
CA HIS B 258 8.26 -15.46 -7.08
C HIS B 258 7.90 -16.90 -7.48
N GLN B 259 7.28 -17.64 -6.56
CA GLN B 259 6.96 -19.04 -6.82
C GLN B 259 5.62 -19.17 -7.55
N ALA B 260 5.60 -18.68 -8.79
CA ALA B 260 4.41 -18.73 -9.63
C ALA B 260 4.27 -20.07 -10.34
N ASN B 261 5.39 -20.58 -10.85
CA ASN B 261 5.43 -21.80 -11.64
C ASN B 261 6.88 -22.26 -11.76
N SER B 262 7.14 -23.52 -11.42
CA SER B 262 8.50 -24.05 -11.39
C SER B 262 9.18 -23.96 -12.76
N ARG B 263 8.39 -24.18 -13.81
CA ARG B 263 8.92 -24.17 -15.18
C ARG B 263 9.27 -22.76 -15.67
N ILE B 264 8.55 -21.75 -15.18
CA ILE B 264 8.91 -20.35 -15.45
C ILE B 264 10.27 -20.07 -14.81
N ASN B 265 10.41 -20.48 -13.55
CA ASN B 265 11.61 -20.20 -12.78
C ASN B 265 12.83 -20.98 -13.27
N GLU B 266 12.60 -22.18 -13.79
CA GLU B 266 13.65 -22.96 -14.46
C GLU B 266 14.18 -22.21 -15.70
N LEU B 267 13.24 -21.70 -16.50
CA LEU B 267 13.60 -20.91 -17.69
C LEU B 267 14.38 -19.66 -17.33
N LEU B 268 13.93 -18.97 -16.27
CA LEU B 268 14.61 -17.77 -15.79
C LEU B 268 16.05 -18.05 -15.35
N VAL B 269 16.24 -19.16 -14.64
CA VAL B 269 17.57 -19.59 -14.19
C VAL B 269 18.54 -19.68 -15.36
N LYS B 270 18.12 -20.35 -16.43
CA LYS B 270 18.94 -20.50 -17.64
C LYS B 270 19.21 -19.15 -18.30
N ASN B 271 18.17 -18.32 -18.41
CA ASN B 271 18.29 -17.00 -19.04
C ASN B 271 19.23 -16.06 -18.29
N LEU B 272 19.26 -16.20 -16.96
CA LEU B 272 20.04 -15.30 -16.12
C LEU B 272 21.54 -15.60 -16.07
N GLN B 273 21.94 -16.70 -16.72
CA GLN B 273 23.35 -17.11 -16.83
C GLN B 273 24.04 -17.21 -15.46
N LEU B 274 23.31 -17.74 -14.48
CA LEU B 274 23.87 -17.93 -13.14
C LEU B 274 24.83 -19.12 -13.11
N ARG B 275 25.67 -19.17 -12.07
CA ARG B 275 26.60 -20.28 -11.86
C ARG B 275 25.87 -21.62 -11.86
N PRO B 276 26.50 -22.66 -12.39
CA PRO B 276 25.94 -24.02 -12.33
C PRO B 276 25.48 -24.42 -10.92
N ASP B 277 26.23 -23.99 -9.90
CA ASP B 277 25.92 -24.35 -8.51
C ASP B 277 25.07 -23.31 -7.77
N ALA B 278 24.56 -22.31 -8.51
CA ALA B 278 23.63 -21.35 -7.93
C ALA B 278 22.38 -22.08 -7.47
N VAL B 279 21.84 -21.65 -6.34
CA VAL B 279 20.68 -22.30 -5.75
C VAL B 279 19.41 -21.56 -6.17
N VAL B 280 18.41 -22.33 -6.59
CA VAL B 280 17.16 -21.76 -7.07
C VAL B 280 16.01 -22.19 -6.16
N ALA B 281 15.32 -21.20 -5.60
CA ALA B 281 14.18 -21.46 -4.72
C ALA B 281 13.13 -22.31 -5.43
N ASN B 282 12.69 -23.38 -4.76
CA ASN B 282 11.65 -24.26 -5.29
C ASN B 282 10.66 -24.64 -4.18
N ASP B 283 10.34 -23.66 -3.34
CA ASP B 283 9.40 -23.82 -2.24
C ASP B 283 7.99 -24.15 -2.74
N ILE B 284 7.72 -23.76 -3.98
CA ILE B 284 6.43 -24.01 -4.63
C ILE B 284 5.94 -25.47 -4.53
N GLU B 285 6.87 -26.42 -4.45
CA GLU B 285 6.50 -27.84 -4.41
C GLU B 285 5.53 -28.18 -3.27
N HIS B 286 5.71 -27.54 -2.12
CA HIS B 286 4.84 -27.80 -0.97
C HIS B 286 4.17 -26.52 -0.45
N THR B 287 4.23 -25.45 -1.24
CA THR B 287 3.68 -24.15 -0.85
C THR B 287 2.67 -23.64 -1.87
N GLY B 288 2.87 -24.03 -3.13
CA GLY B 288 2.12 -23.44 -4.23
C GLY B 288 2.45 -21.96 -4.36
N ASN B 289 1.57 -21.25 -5.05
CA ASN B 289 1.74 -19.82 -5.29
C ASN B 289 1.05 -19.01 -4.20
N THR B 290 1.84 -18.38 -3.33
CA THR B 290 1.28 -17.55 -2.25
C THR B 290 1.44 -16.06 -2.51
N SER B 291 1.53 -15.68 -3.77
CA SER B 291 1.57 -14.27 -4.18
C SER B 291 2.56 -13.44 -3.34
N ALA B 292 2.05 -12.50 -2.54
CA ALA B 292 2.90 -11.56 -1.80
C ALA B 292 3.81 -12.25 -0.78
N ALA B 293 3.36 -13.38 -0.24
CA ALA B 293 4.11 -14.13 0.76
C ALA B 293 5.20 -15.01 0.16
N SER B 294 5.19 -15.16 -1.16
CA SER B 294 5.94 -16.21 -1.84
C SER B 294 7.45 -16.12 -1.66
N ILE B 295 8.01 -14.95 -1.94
CA ILE B 295 9.46 -14.76 -1.85
C ILE B 295 10.05 -14.97 -0.44
N PRO B 296 9.52 -14.32 0.60
CA PRO B 296 10.04 -14.55 1.96
C PRO B 296 9.81 -15.99 2.44
N LEU B 297 8.73 -16.64 2.02
CA LEU B 297 8.53 -18.06 2.34
C LEU B 297 9.61 -18.93 1.68
N ALA B 298 9.93 -18.63 0.43
CA ALA B 298 10.98 -19.33 -0.31
C ALA B 298 12.35 -19.08 0.31
N MET B 299 12.59 -17.86 0.76
CA MET B 299 13.85 -17.52 1.41
C MET B 299 14.01 -18.34 2.68
N ALA B 300 12.95 -18.40 3.48
CA ALA B 300 12.96 -19.19 4.71
C ALA B 300 13.21 -20.67 4.42
N GLU B 301 12.60 -21.19 3.35
CA GLU B 301 12.80 -22.59 2.95
C GLU B 301 14.26 -22.89 2.62
N LEU B 302 14.87 -22.03 1.79
CA LEU B 302 16.28 -22.19 1.43
C LEU B 302 17.20 -22.18 2.65
N LEU B 303 16.88 -21.33 3.63
CA LEU B 303 17.65 -21.27 4.86
C LEU B 303 17.43 -22.52 5.72
N THR B 304 16.21 -23.04 5.71
CA THR B 304 15.85 -24.28 6.42
C THR B 304 16.64 -25.47 5.89
N THR B 305 16.69 -25.64 4.57
CA THR B 305 17.43 -26.75 3.98
C THR B 305 18.94 -26.53 4.01
N GLY B 306 19.35 -25.28 4.15
CA GLY B 306 20.77 -24.93 4.14
C GLY B 306 21.28 -24.61 2.75
N ALA B 307 20.39 -24.67 1.76
CA ALA B 307 20.73 -24.34 0.37
C ALA B 307 21.24 -22.91 0.28
N ALA B 308 20.66 -22.03 1.10
CA ALA B 308 21.17 -20.70 1.32
C ALA B 308 21.74 -20.60 2.72
N LYS B 309 22.80 -19.82 2.85
CA LYS B 309 23.42 -19.55 4.14
C LYS B 309 23.24 -18.06 4.43
N PRO B 310 23.12 -17.68 5.71
CA PRO B 310 23.06 -16.25 6.06
C PRO B 310 24.19 -15.48 5.39
N GLY B 311 23.88 -14.34 4.80
CA GLY B 311 24.89 -13.53 4.13
C GLY B 311 25.05 -13.81 2.65
N ASP B 312 24.52 -14.94 2.17
CA ASP B 312 24.60 -15.29 0.74
C ASP B 312 23.99 -14.20 -0.14
N LEU B 313 24.61 -13.99 -1.30
CA LEU B 313 24.11 -13.01 -2.26
C LEU B 313 22.92 -13.59 -3.01
N ALA B 314 21.77 -12.92 -2.91
CA ALA B 314 20.54 -13.42 -3.48
C ALA B 314 19.89 -12.42 -4.43
N LEU B 315 19.36 -12.92 -5.54
CA LEU B 315 18.56 -12.12 -6.47
C LEU B 315 17.08 -12.44 -6.26
N LEU B 316 16.31 -11.40 -5.94
CA LEU B 316 14.86 -11.54 -5.77
C LEU B 316 14.15 -10.94 -6.97
N ILE B 317 13.21 -11.69 -7.54
CA ILE B 317 12.36 -11.18 -8.62
C ILE B 317 10.90 -11.54 -8.36
N GLY B 318 10.11 -10.54 -8.02
CA GLY B 318 8.66 -10.69 -7.86
C GLY B 318 7.96 -10.28 -9.13
N TYR B 319 7.01 -11.10 -9.57
CA TYR B 319 6.24 -10.82 -10.78
C TYR B 319 4.82 -11.33 -10.60
N GLY B 320 3.83 -10.48 -10.85
CA GLY B 320 2.45 -10.86 -10.60
C GLY B 320 1.41 -9.84 -11.01
N ALA B 321 0.32 -9.81 -10.27
CA ALA B 321 -0.90 -9.08 -10.63
C ALA B 321 -0.68 -7.61 -10.92
N GLY B 322 -1.49 -7.10 -11.84
CA GLY B 322 -1.48 -5.72 -12.28
C GLY B 322 -0.68 -5.74 -13.53
N LEU B 323 0.01 -6.87 -13.65
CA LEU B 323 1.35 -6.97 -14.15
C LEU B 323 2.19 -5.90 -13.49
N SER B 324 2.77 -6.31 -12.38
CA SER B 324 3.70 -5.52 -11.58
C SER B 324 4.91 -6.42 -11.38
N TYR B 325 6.09 -5.81 -11.36
CA TYR B 325 7.29 -6.54 -10.98
C TYR B 325 8.17 -5.67 -10.11
N ALA B 326 8.94 -6.32 -9.24
CA ALA B 326 9.88 -5.64 -8.38
C ALA B 326 11.01 -6.60 -8.06
N ALA B 327 12.24 -6.13 -8.21
CA ALA B 327 13.42 -6.94 -8.03
C ALA B 327 14.54 -6.18 -7.33
N GLN B 328 15.41 -6.92 -6.65
CA GLN B 328 16.59 -6.35 -6.00
C GLN B 328 17.54 -7.48 -5.63
N VAL B 329 18.82 -7.14 -5.50
CA VAL B 329 19.80 -8.08 -4.95
C VAL B 329 19.86 -7.80 -3.45
N VAL B 330 19.88 -8.87 -2.65
CA VAL B 330 19.99 -8.75 -1.20
C VAL B 330 21.01 -9.74 -0.64
N ARG B 331 21.35 -9.55 0.64
CA ARG B 331 22.12 -10.54 1.37
C ARG B 331 21.16 -11.33 2.25
N MET B 332 21.31 -12.64 2.26
CA MET B 332 20.37 -13.50 2.98
C MET B 332 20.37 -13.26 4.48
N PRO B 333 19.19 -13.29 5.10
CA PRO B 333 19.07 -13.09 6.55
C PRO B 333 19.39 -14.34 7.36
N LYS B 334 19.17 -14.25 8.67
CA LYS B 334 19.27 -15.40 9.57
C LYS B 334 17.93 -16.14 9.66
CL CL C . -5.98 22.63 23.75
CL CL D . -10.35 7.00 7.26
CL CL E . 0.03 -12.04 -8.01
CL CL F . 13.55 -25.09 -2.17
#